data_6ZBT
#
_entry.id   6ZBT
#
_cell.length_a   205.857
_cell.length_b   205.857
_cell.length_c   74.354
_cell.angle_alpha   90.000
_cell.angle_beta   90.000
_cell.angle_gamma   120.000
#
_symmetry.space_group_name_H-M   'H 3'
#
loop_
_entity.id
_entity.type
_entity.pdbx_description
1 polymer '14-3-3 protein gamma'
2 polymer 'E3 ubiquitin-protein ligase NEDD4-like'
3 non-polymer 1,1,1,3,3,3-hexafluoropropan-2-ol
4 water water
#
loop_
_entity_poly.entity_id
_entity_poly.type
_entity_poly.pdbx_seq_one_letter_code
_entity_poly.pdbx_strand_id
1 'polypeptide(L)'
;MVDREQLVQKARLAEQAERYDDMAAAMKNVTELNEPLSNEERNLLSVAYKNVVGARRSSWRVISSIEQKTSADGNEKKIE
MVRAYREKIEKELEAVCQDVLSLLDNYLIKNCSETQYESKVFYLKMKGDYYRYLAEVATGEKRATVVESSEKAYSEAHEI
SKEHMQPTHPIRLGLALNYSVFYYEIQNAPEQACHLAKTAFDDAIAELDTLNEDSYKDSTLIMQLLRDNLTLWT
;
A,B,C,D
2 'polypeptide(L)' LRSC(SEP)VTDAV E,F,G,H
#
loop_
_chem_comp.id
_chem_comp.type
_chem_comp.name
_chem_comp.formula
CFH non-polymer 1,1,1,3,3,3-hexafluoropropan-2-ol 'C3 H2 F6 O'
#
# COMPACT_ATOMS: atom_id res chain seq x y z
N ASP A 3 20.87 8.93 -31.98
CA ASP A 3 22.09 8.49 -31.29
C ASP A 3 21.84 7.20 -30.51
N ARG A 4 22.85 6.33 -30.47
CA ARG A 4 22.69 5.06 -29.76
C ARG A 4 22.57 5.28 -28.25
N GLU A 5 23.41 6.15 -27.68
CA GLU A 5 23.34 6.42 -26.25
C GLU A 5 21.98 6.97 -25.85
N GLN A 6 21.25 7.59 -26.78
CA GLN A 6 19.92 8.09 -26.47
C GLN A 6 18.87 6.98 -26.54
N LEU A 7 19.03 6.01 -27.45
CA LEU A 7 18.12 4.88 -27.48
C LEU A 7 18.27 4.02 -26.24
N VAL A 8 19.51 3.85 -25.75
CA VAL A 8 19.73 3.04 -24.56
C VAL A 8 19.21 3.76 -23.32
N GLN A 9 19.43 5.07 -23.23
CA GLN A 9 18.90 5.81 -22.10
C GLN A 9 17.37 5.86 -22.12
N LYS A 10 16.77 5.83 -23.31
CA LYS A 10 15.32 5.74 -23.41
C LYS A 10 14.82 4.39 -22.92
N ALA A 11 15.57 3.32 -23.20
CA ALA A 11 15.21 2.01 -22.68
C ALA A 11 15.31 1.98 -21.16
N ARG A 12 16.30 2.67 -20.60
CA ARG A 12 16.41 2.75 -19.15
C ARG A 12 15.26 3.55 -18.56
N LEU A 13 14.84 4.61 -19.25
CA LEU A 13 13.69 5.39 -18.82
C LEU A 13 12.43 4.54 -18.84
N ALA A 14 12.22 3.80 -19.93
CA ALA A 14 11.01 3.00 -20.08
C ALA A 14 10.93 1.92 -19.00
N GLU A 15 12.08 1.34 -18.62
CA GLU A 15 12.06 0.35 -17.55
C GLU A 15 11.62 0.97 -16.24
N GLN A 16 12.14 2.15 -15.90
CA GLN A 16 11.77 2.79 -14.64
C GLN A 16 10.29 3.13 -14.62
N ALA A 17 9.74 3.52 -15.78
CA ALA A 17 8.32 3.81 -15.92
C ALA A 17 7.47 2.57 -16.17
N GLU A 18 8.08 1.37 -16.16
CA GLU A 18 7.39 0.10 -16.37
C GLU A 18 6.62 0.11 -17.69
N ARG A 19 7.24 0.65 -18.73
CA ARG A 19 6.67 0.65 -20.08
C ARG A 19 7.55 -0.26 -20.93
N TYR A 20 7.27 -1.56 -20.85
CA TYR A 20 8.21 -2.55 -21.40
C TYR A 20 8.08 -2.69 -22.91
N ASP A 21 6.90 -2.41 -23.47
CA ASP A 21 6.79 -2.32 -24.93
C ASP A 21 7.74 -1.27 -25.48
N ASP A 22 7.75 -0.07 -24.88
CA ASP A 22 8.68 0.97 -25.28
C ASP A 22 10.13 0.51 -25.08
N MET A 23 10.39 -0.16 -23.96
CA MET A 23 11.74 -0.63 -23.65
C MET A 23 12.22 -1.65 -24.68
N ALA A 24 11.35 -2.58 -25.08
CA ALA A 24 11.71 -3.56 -26.09
C ALA A 24 11.92 -2.90 -27.45
N ALA A 25 11.07 -1.93 -27.80
CA ALA A 25 11.22 -1.24 -29.07
C ALA A 25 12.53 -0.49 -29.15
N ALA A 26 12.95 0.12 -28.04
CA ALA A 26 14.22 0.84 -28.02
C ALA A 26 15.39 -0.12 -28.16
N MET A 27 15.39 -1.22 -27.41
CA MET A 27 16.49 -2.18 -27.49
C MET A 27 16.48 -2.92 -28.83
N LYS A 28 15.30 -3.12 -29.41
CA LYS A 28 15.23 -3.68 -30.76
C LYS A 28 15.92 -2.75 -31.76
N ASN A 29 15.70 -1.44 -31.62
CA ASN A 29 16.37 -0.47 -32.49
C ASN A 29 17.88 -0.48 -32.25
N VAL A 30 18.31 -0.55 -30.99
CA VAL A 30 19.74 -0.60 -30.71
C VAL A 30 20.36 -1.85 -31.33
N THR A 31 19.67 -2.99 -31.22
CA THR A 31 20.19 -4.23 -31.80
C THR A 31 20.34 -4.11 -33.31
N GLU A 32 19.37 -3.48 -33.97
CA GLU A 32 19.39 -3.38 -35.42
C GLU A 32 20.45 -2.41 -35.94
N LEU A 33 21.13 -1.69 -35.05
CA LEU A 33 22.32 -0.93 -35.45
C LEU A 33 23.49 -1.82 -35.84
N ASN A 34 23.35 -3.14 -35.70
CA ASN A 34 24.33 -4.14 -36.13
C ASN A 34 25.65 -4.02 -35.38
N GLU A 35 25.62 -3.43 -34.18
CA GLU A 35 26.77 -3.37 -33.29
C GLU A 35 26.56 -4.29 -32.09
N PRO A 36 27.63 -4.82 -31.49
CA PRO A 36 27.44 -5.73 -30.35
C PRO A 36 26.81 -5.01 -29.17
N LEU A 37 26.11 -5.79 -28.34
CA LEU A 37 25.52 -5.27 -27.13
C LEU A 37 26.47 -5.47 -25.95
N SER A 38 26.59 -4.45 -25.12
CA SER A 38 27.32 -4.60 -23.87
C SER A 38 26.55 -5.53 -22.93
N ASN A 39 27.21 -5.90 -21.83
CA ASN A 39 26.54 -6.72 -20.83
C ASN A 39 25.29 -6.03 -20.29
N GLU A 40 25.36 -4.71 -20.11
CA GLU A 40 24.19 -3.99 -19.61
C GLU A 40 23.11 -3.88 -20.68
N GLU A 41 23.50 -3.56 -21.91
CA GLU A 41 22.53 -3.48 -23.00
C GLU A 41 21.88 -4.83 -23.24
N ARG A 42 22.66 -5.91 -23.15
CA ARG A 42 22.11 -7.26 -23.26
C ARG A 42 21.04 -7.51 -22.21
N ASN A 43 21.30 -7.10 -20.97
CA ASN A 43 20.34 -7.28 -19.90
C ASN A 43 19.10 -6.42 -20.13
N LEU A 44 19.28 -5.19 -20.60
CA LEU A 44 18.13 -4.34 -20.92
C LEU A 44 17.23 -5.00 -21.96
N LEU A 45 17.84 -5.56 -23.01
CA LEU A 45 17.05 -6.24 -24.03
C LEU A 45 16.32 -7.45 -23.45
N SER A 46 17.03 -8.24 -22.64
CA SER A 46 16.41 -9.43 -22.05
C SER A 46 15.27 -9.05 -21.11
N VAL A 47 15.49 -8.06 -20.26
CA VAL A 47 14.46 -7.66 -19.29
C VAL A 47 13.22 -7.15 -20.03
N ALA A 48 13.41 -6.34 -21.07
CA ALA A 48 12.28 -5.80 -21.81
C ALA A 48 11.42 -6.90 -22.40
N TYR A 49 12.02 -7.80 -23.18
CA TYR A 49 11.23 -8.81 -23.85
C TYR A 49 10.67 -9.86 -22.88
N LYS A 50 11.42 -10.16 -21.80
CA LYS A 50 10.87 -11.06 -20.79
C LYS A 50 9.58 -10.50 -20.21
N ASN A 51 9.54 -9.20 -19.94
CA ASN A 51 8.34 -8.59 -19.40
C ASN A 51 7.22 -8.53 -20.44
N VAL A 52 7.57 -8.20 -21.68
CA VAL A 52 6.56 -8.16 -22.74
C VAL A 52 5.95 -9.55 -22.94
N VAL A 53 6.79 -10.55 -23.16
CA VAL A 53 6.25 -11.89 -23.35
C VAL A 53 5.65 -12.43 -22.06
N GLY A 54 6.21 -12.05 -20.91
CA GLY A 54 5.70 -12.55 -19.65
C GLY A 54 4.28 -12.10 -19.36
N ALA A 55 3.94 -10.88 -19.76
CA ALA A 55 2.58 -10.39 -19.59
C ALA A 55 1.59 -11.24 -20.38
N ARG A 56 1.96 -11.66 -21.59
CA ARG A 56 1.07 -12.51 -22.38
C ARG A 56 1.00 -13.92 -21.80
N ARG A 57 2.14 -14.46 -21.34
CA ARG A 57 2.11 -15.78 -20.73
C ARG A 57 1.22 -15.79 -19.49
N SER A 58 1.34 -14.76 -18.65
CA SER A 58 0.53 -14.67 -17.45
C SER A 58 -0.96 -14.59 -17.80
N SER A 59 -1.31 -13.73 -18.76
CA SER A 59 -2.70 -13.62 -19.20
C SER A 59 -3.17 -14.94 -19.80
N TRP A 60 -2.32 -15.58 -20.61
CA TRP A 60 -2.71 -16.83 -21.26
C TRP A 60 -3.05 -17.90 -20.23
N ARG A 61 -2.28 -18.00 -19.15
CA ARG A 61 -2.57 -19.01 -18.14
C ARG A 61 -3.91 -18.76 -17.46
N VAL A 62 -4.21 -17.50 -17.14
CA VAL A 62 -5.49 -17.18 -16.51
C VAL A 62 -6.65 -17.49 -17.45
N ILE A 63 -6.53 -17.05 -18.70
CA ILE A 63 -7.59 -17.30 -19.68
C ILE A 63 -7.79 -18.80 -19.87
N SER A 64 -6.68 -19.55 -19.95
CA SER A 64 -6.79 -21.00 -20.15
C SER A 64 -7.47 -21.67 -18.95
N SER A 65 -7.21 -21.18 -17.74
CA SER A 65 -7.85 -21.74 -16.57
C SER A 65 -9.35 -21.46 -16.58
N ILE A 66 -9.72 -20.24 -16.97
CA ILE A 66 -11.13 -19.87 -17.06
C ILE A 66 -11.83 -20.67 -18.16
N GLU A 67 -11.10 -20.94 -19.26
CA GLU A 67 -11.69 -21.69 -20.37
C GLU A 67 -12.10 -23.10 -19.94
N GLN A 68 -11.29 -23.74 -19.10
CA GLN A 68 -11.64 -25.07 -18.62
C GLN A 68 -12.94 -25.05 -17.83
N LYS A 69 -13.06 -24.11 -16.89
CA LYS A 69 -14.29 -24.02 -16.11
C LYS A 69 -15.48 -23.66 -16.98
N THR A 70 -15.28 -22.77 -17.95
CA THR A 70 -16.36 -22.37 -18.84
C THR A 70 -16.82 -23.53 -19.71
N SER A 71 -15.88 -24.34 -20.20
CA SER A 71 -16.25 -25.45 -21.06
C SER A 71 -17.11 -26.47 -20.32
N ALA A 72 -16.83 -26.70 -19.04
CA ALA A 72 -17.61 -27.67 -18.26
C ALA A 72 -19.04 -27.20 -18.06
N ASP A 73 -19.29 -25.89 -18.06
CA ASP A 73 -20.62 -25.37 -17.83
C ASP A 73 -21.46 -25.30 -19.10
N GLY A 74 -20.83 -25.40 -20.27
CA GLY A 74 -21.53 -25.77 -21.49
C GLY A 74 -22.24 -24.67 -22.25
N ASN A 75 -22.02 -23.40 -21.92
CA ASN A 75 -22.60 -22.32 -22.70
C ASN A 75 -21.72 -22.05 -23.91
N GLU A 76 -22.23 -22.35 -25.11
CA GLU A 76 -21.38 -22.35 -26.30
C GLU A 76 -20.94 -20.93 -26.68
N LYS A 77 -21.79 -19.93 -26.48
CA LYS A 77 -21.38 -18.55 -26.79
C LYS A 77 -20.24 -18.11 -25.89
N LYS A 78 -20.35 -18.37 -24.59
CA LYS A 78 -19.29 -17.99 -23.66
C LYS A 78 -18.03 -18.80 -23.93
N ILE A 79 -18.18 -20.08 -24.26
CA ILE A 79 -17.03 -20.92 -24.59
C ILE A 79 -16.28 -20.35 -25.79
N GLU A 80 -17.03 -19.97 -26.83
CA GLU A 80 -16.39 -19.43 -28.03
C GLU A 80 -15.75 -18.07 -27.78
N MET A 81 -16.36 -17.25 -26.91
CA MET A 81 -15.74 -15.97 -26.57
C MET A 81 -14.41 -16.17 -25.88
N VAL A 82 -14.35 -17.08 -24.91
CA VAL A 82 -13.10 -17.31 -24.19
C VAL A 82 -12.05 -17.91 -25.12
N ARG A 83 -12.46 -18.83 -26.00
CA ARG A 83 -11.53 -19.44 -26.94
C ARG A 83 -10.93 -18.40 -27.86
N ALA A 84 -11.76 -17.50 -28.41
CA ALA A 84 -11.25 -16.48 -29.31
C ALA A 84 -10.31 -15.52 -28.59
N TYR A 85 -10.60 -15.23 -27.31
CA TYR A 85 -9.72 -14.34 -26.56
C TYR A 85 -8.38 -15.00 -26.27
N ARG A 86 -8.39 -16.30 -25.97
CA ARG A 86 -7.13 -17.01 -25.83
C ARG A 86 -6.31 -16.95 -27.12
N GLU A 87 -6.97 -17.19 -28.25
CA GLU A 87 -6.27 -17.13 -29.53
C GLU A 87 -5.69 -15.74 -29.80
N LYS A 88 -6.42 -14.69 -29.42
CA LYS A 88 -5.91 -13.34 -29.59
C LYS A 88 -4.63 -13.14 -28.80
N ILE A 89 -4.60 -13.60 -27.56
CA ILE A 89 -3.39 -13.48 -26.75
C ILE A 89 -2.29 -14.37 -27.31
N GLU A 90 -2.65 -15.57 -27.78
CA GLU A 90 -1.65 -16.46 -28.40
C GLU A 90 -1.01 -15.81 -29.62
N LYS A 91 -1.80 -15.11 -30.44
CA LYS A 91 -1.23 -14.42 -31.59
C LYS A 91 -0.27 -13.33 -31.17
N GLU A 92 -0.61 -12.57 -30.14
CA GLU A 92 0.30 -11.54 -29.63
C GLU A 92 1.59 -12.15 -29.12
N LEU A 93 1.48 -13.22 -28.33
CA LEU A 93 2.67 -13.87 -27.79
C LEU A 93 3.56 -14.40 -28.90
N GLU A 94 2.96 -15.00 -29.93
CA GLU A 94 3.76 -15.55 -31.02
C GLU A 94 4.45 -14.44 -31.82
N ALA A 95 3.80 -13.28 -31.95
CA ALA A 95 4.44 -12.16 -32.63
C ALA A 95 5.62 -11.61 -31.82
N VAL A 96 5.50 -11.58 -30.49
CA VAL A 96 6.62 -11.14 -29.66
C VAL A 96 7.79 -12.10 -29.81
N CYS A 97 7.51 -13.41 -29.72
CA CYS A 97 8.57 -14.42 -29.83
C CYS A 97 9.28 -14.34 -31.17
N GLN A 98 8.53 -14.16 -32.25
CA GLN A 98 9.14 -14.08 -33.57
C GLN A 98 10.05 -12.87 -33.69
N ASP A 99 9.68 -11.75 -33.07
CA ASP A 99 10.53 -10.57 -33.10
C ASP A 99 11.85 -10.84 -32.41
N VAL A 100 11.81 -11.41 -31.21
CA VAL A 100 13.03 -11.74 -30.47
C VAL A 100 13.87 -12.73 -31.25
N LEU A 101 13.23 -13.81 -31.72
CA LEU A 101 13.95 -14.83 -32.46
C LEU A 101 14.61 -14.27 -33.72
N SER A 102 13.91 -13.36 -34.42
CA SER A 102 14.52 -12.70 -35.56
C SER A 102 15.74 -11.89 -35.16
N LEU A 103 15.64 -11.16 -34.04
CA LEU A 103 16.78 -10.39 -33.57
C LEU A 103 17.95 -11.30 -33.21
N LEU A 104 17.67 -12.43 -32.57
CA LEU A 104 18.73 -13.36 -32.21
C LEU A 104 19.42 -13.94 -33.44
N ASP A 105 18.64 -14.41 -34.41
CA ASP A 105 19.23 -15.08 -35.56
C ASP A 105 19.91 -14.11 -36.52
N ASN A 106 19.40 -12.88 -36.64
CA ASN A 106 19.89 -11.96 -37.65
C ASN A 106 20.92 -10.97 -37.13
N TYR A 107 20.94 -10.67 -35.84
CA TYR A 107 21.95 -9.78 -35.26
C TYR A 107 22.76 -10.41 -34.15
N LEU A 108 22.11 -10.94 -33.11
CA LEU A 108 22.77 -11.17 -31.83
C LEU A 108 23.67 -12.39 -31.86
N ILE A 109 23.13 -13.55 -32.22
CA ILE A 109 23.95 -14.76 -32.34
C ILE A 109 24.94 -14.59 -33.48
N LYS A 110 24.51 -13.95 -34.57
CA LYS A 110 25.34 -13.86 -35.77
C LYS A 110 26.63 -13.10 -35.50
N ASN A 111 26.54 -11.99 -34.78
CA ASN A 111 27.70 -11.12 -34.58
C ASN A 111 28.62 -11.57 -33.45
N CYS A 112 28.40 -12.77 -32.90
CA CYS A 112 29.26 -13.30 -31.86
C CYS A 112 30.55 -13.83 -32.48
N SER A 113 31.68 -13.30 -32.03
CA SER A 113 32.97 -13.80 -32.49
C SER A 113 33.23 -15.20 -31.95
N GLU A 114 34.25 -15.85 -32.50
CA GLU A 114 34.55 -17.24 -32.13
C GLU A 114 34.83 -17.37 -30.63
N THR A 115 35.36 -16.32 -30.01
CA THR A 115 35.76 -16.39 -28.61
C THR A 115 34.76 -15.77 -27.64
N GLN A 116 33.60 -15.34 -28.12
CA GLN A 116 32.60 -14.71 -27.24
C GLN A 116 31.63 -15.76 -26.71
N TYR A 117 32.20 -16.68 -25.92
CA TYR A 117 31.44 -17.83 -25.45
C TYR A 117 30.28 -17.42 -24.56
N GLU A 118 30.51 -16.49 -23.63
CA GLU A 118 29.45 -16.08 -22.72
C GLU A 118 28.26 -15.51 -23.48
N SER A 119 28.52 -14.63 -24.45
CA SER A 119 27.44 -14.06 -25.26
C SER A 119 26.72 -15.13 -26.06
N LYS A 120 27.48 -16.06 -26.66
CA LYS A 120 26.85 -17.13 -27.43
C LYS A 120 25.94 -17.99 -26.58
N VAL A 121 26.36 -18.33 -25.35
CA VAL A 121 25.52 -19.11 -24.47
C VAL A 121 24.28 -18.31 -24.08
N PHE A 122 24.47 -17.03 -23.73
CA PHE A 122 23.36 -16.18 -23.35
C PHE A 122 22.32 -16.11 -24.46
N TYR A 123 22.76 -15.87 -25.69
CA TYR A 123 21.81 -15.67 -26.79
C TYR A 123 21.20 -16.99 -27.24
N LEU A 124 21.97 -18.09 -27.21
CA LEU A 124 21.39 -19.39 -27.55
C LEU A 124 20.41 -19.84 -26.47
N LYS A 125 20.69 -19.52 -25.21
CA LYS A 125 19.73 -19.80 -24.15
C LYS A 125 18.45 -19.00 -24.36
N MET A 126 18.60 -17.73 -24.72
CA MET A 126 17.44 -16.90 -25.06
C MET A 126 16.66 -17.53 -26.21
N LYS A 127 17.37 -18.04 -27.22
CA LYS A 127 16.69 -18.68 -28.35
C LYS A 127 15.90 -19.90 -27.90
N GLY A 128 16.49 -20.73 -27.03
CA GLY A 128 15.76 -21.85 -26.48
C GLY A 128 14.58 -21.41 -25.64
N ASP A 129 14.72 -20.31 -24.91
CA ASP A 129 13.63 -19.80 -24.08
C ASP A 129 12.43 -19.39 -24.92
N TYR A 130 12.66 -18.62 -25.99
CA TYR A 130 11.53 -18.09 -26.72
C TYR A 130 10.89 -19.14 -27.62
N TYR A 131 11.66 -20.14 -28.07
CA TYR A 131 11.00 -21.29 -28.69
C TYR A 131 10.23 -22.12 -27.66
N ARG A 132 10.70 -22.14 -26.40
CA ARG A 132 9.93 -22.82 -25.36
C ARG A 132 8.61 -22.10 -25.09
N TYR A 133 8.63 -20.77 -25.11
CA TYR A 133 7.39 -20.02 -24.91
C TYR A 133 6.41 -20.26 -26.05
N LEU A 134 6.93 -20.41 -27.27
CA LEU A 134 6.08 -20.79 -28.39
C LEU A 134 5.49 -22.18 -28.18
N ALA A 135 6.31 -23.12 -27.70
CA ALA A 135 5.83 -24.48 -27.48
C ALA A 135 4.74 -24.53 -26.41
N GLU A 136 4.76 -23.59 -25.46
CA GLU A 136 3.78 -23.58 -24.38
C GLU A 136 2.36 -23.42 -24.89
N VAL A 137 2.18 -22.71 -26.00
CA VAL A 137 0.86 -22.42 -26.54
C VAL A 137 0.62 -23.08 -27.89
N ALA A 138 1.55 -23.89 -28.38
CA ALA A 138 1.37 -24.55 -29.66
C ALA A 138 0.78 -25.94 -29.49
N THR A 139 0.16 -26.44 -30.56
CA THR A 139 -0.41 -27.78 -30.60
C THR A 139 0.01 -28.47 -31.89
N GLY A 140 -0.04 -29.80 -31.87
CA GLY A 140 0.10 -30.58 -33.08
C GLY A 140 1.47 -30.44 -33.73
N GLU A 141 1.47 -30.36 -35.06
CA GLU A 141 2.73 -30.33 -35.80
C GLU A 141 3.49 -29.03 -35.60
N LYS A 142 2.77 -27.93 -35.38
CA LYS A 142 3.45 -26.67 -35.07
C LYS A 142 4.20 -26.75 -33.75
N ARG A 143 3.70 -27.56 -32.82
CA ARG A 143 4.38 -27.70 -31.53
C ARG A 143 5.66 -28.50 -31.66
N ALA A 144 5.61 -29.65 -32.35
CA ALA A 144 6.80 -30.48 -32.50
C ALA A 144 7.95 -29.70 -33.15
N THR A 145 7.63 -28.78 -34.05
CA THR A 145 8.66 -28.01 -34.73
C THR A 145 9.37 -27.06 -33.76
N VAL A 146 8.60 -26.27 -33.00
CA VAL A 146 9.23 -25.31 -32.09
C VAL A 146 9.89 -26.05 -30.93
N VAL A 147 9.34 -27.19 -30.52
CA VAL A 147 9.98 -27.99 -29.48
C VAL A 147 11.34 -28.46 -29.96
N GLU A 148 11.44 -28.84 -31.23
CA GLU A 148 12.71 -29.31 -31.79
C GLU A 148 13.69 -28.17 -31.94
N SER A 149 13.21 -26.97 -32.28
CA SER A 149 14.08 -25.80 -32.33
C SER A 149 14.54 -25.36 -30.95
N SER A 150 13.67 -25.51 -29.93
CA SER A 150 14.08 -25.17 -28.57
C SER A 150 15.20 -26.09 -28.09
N GLU A 151 15.06 -27.39 -28.32
CA GLU A 151 16.07 -28.34 -27.85
C GLU A 151 17.39 -28.13 -28.58
N LYS A 152 17.35 -27.82 -29.88
CA LYS A 152 18.59 -27.60 -30.62
C LYS A 152 19.36 -26.40 -30.05
N ALA A 153 18.65 -25.31 -29.75
CA ALA A 153 19.32 -24.13 -29.22
C ALA A 153 19.87 -24.37 -27.82
N TYR A 154 19.07 -25.00 -26.94
CA TYR A 154 19.55 -25.29 -25.59
C TYR A 154 20.75 -26.23 -25.62
N SER A 155 20.70 -27.25 -26.48
CA SER A 155 21.76 -28.25 -26.52
C SER A 155 23.08 -27.63 -26.95
N GLU A 156 23.05 -26.78 -27.99
CA GLU A 156 24.25 -26.08 -28.41
C GLU A 156 24.76 -25.16 -27.30
N ALA A 157 23.85 -24.43 -26.65
CA ALA A 157 24.24 -23.56 -25.55
C ALA A 157 24.90 -24.36 -24.43
N HIS A 158 24.39 -25.56 -24.16
CA HIS A 158 24.90 -26.38 -23.07
C HIS A 158 26.33 -26.83 -23.34
N GLU A 159 26.62 -27.25 -24.58
CA GLU A 159 27.95 -27.76 -24.89
C GLU A 159 29.00 -26.65 -24.83
N ILE A 160 28.65 -25.45 -25.30
CA ILE A 160 29.57 -24.32 -25.20
C ILE A 160 29.79 -23.95 -23.73
N SER A 161 28.71 -23.95 -22.95
CA SER A 161 28.80 -23.58 -21.54
C SER A 161 29.61 -24.60 -20.75
N LYS A 162 29.43 -25.89 -21.02
CA LYS A 162 30.18 -26.91 -20.31
C LYS A 162 31.67 -26.80 -20.61
N GLU A 163 32.01 -26.48 -21.85
CA GLU A 163 33.42 -26.46 -22.23
C GLU A 163 34.13 -25.20 -21.76
N HIS A 164 33.46 -24.04 -21.77
CA HIS A 164 34.14 -22.77 -21.63
C HIS A 164 33.79 -21.96 -20.40
N MET A 165 32.78 -22.35 -19.62
CA MET A 165 32.32 -21.51 -18.52
C MET A 165 32.34 -22.25 -17.19
N GLN A 166 32.56 -21.48 -16.13
CA GLN A 166 32.61 -22.02 -14.77
C GLN A 166 31.23 -22.47 -14.33
N PRO A 167 31.16 -23.53 -13.52
CA PRO A 167 29.84 -24.04 -13.08
C PRO A 167 29.03 -23.04 -12.27
N THR A 168 29.66 -22.10 -11.58
CA THR A 168 28.92 -21.11 -10.79
C THR A 168 28.58 -19.86 -11.58
N HIS A 169 28.94 -19.78 -12.85
CA HIS A 169 28.59 -18.61 -13.65
C HIS A 169 27.07 -18.54 -13.79
N PRO A 170 26.46 -17.39 -13.53
CA PRO A 170 24.99 -17.31 -13.59
C PRO A 170 24.42 -17.68 -14.95
N ILE A 171 25.14 -17.43 -16.03
CA ILE A 171 24.63 -17.80 -17.35
C ILE A 171 24.64 -19.32 -17.53
N ARG A 172 25.70 -19.98 -17.05
CA ARG A 172 25.74 -21.44 -17.13
C ARG A 172 24.68 -22.07 -16.22
N LEU A 173 24.55 -21.56 -14.99
CA LEU A 173 23.53 -22.06 -14.09
C LEU A 173 22.13 -21.78 -14.63
N GLY A 174 21.90 -20.57 -15.13
CA GLY A 174 20.58 -20.22 -15.65
C GLY A 174 20.21 -21.04 -16.87
N LEU A 175 21.18 -21.35 -17.72
CA LEU A 175 20.91 -22.21 -18.86
C LEU A 175 20.48 -23.60 -18.40
N ALA A 176 21.19 -24.16 -17.42
CA ALA A 176 20.83 -25.48 -16.91
C ALA A 176 19.42 -25.47 -16.31
N LEU A 177 19.10 -24.42 -15.55
CA LEU A 177 17.77 -24.32 -14.96
C LEU A 177 16.69 -24.34 -16.03
N ASN A 178 16.80 -23.45 -17.02
CA ASN A 178 15.75 -23.34 -18.03
C ASN A 178 15.72 -24.57 -18.93
N TYR A 179 16.89 -25.14 -19.23
CA TYR A 179 16.95 -26.36 -20.01
C TYR A 179 16.26 -27.51 -19.28
N SER A 180 16.46 -27.61 -17.96
CA SER A 180 15.79 -28.65 -17.19
C SER A 180 14.28 -28.42 -17.14
N VAL A 181 13.86 -27.17 -17.08
CA VAL A 181 12.43 -26.86 -17.16
C VAL A 181 11.87 -27.32 -18.51
N PHE A 182 12.64 -27.10 -19.57
CA PHE A 182 12.22 -27.55 -20.90
C PHE A 182 12.00 -29.06 -20.92
N TYR A 183 12.94 -29.82 -20.34
CA TYR A 183 12.79 -31.28 -20.27
C TYR A 183 11.52 -31.66 -19.52
N TYR A 184 11.27 -31.01 -18.38
CA TYR A 184 10.17 -31.44 -17.52
C TYR A 184 8.82 -31.01 -18.08
N GLU A 185 8.67 -29.72 -18.41
CA GLU A 185 7.35 -29.20 -18.76
C GLU A 185 7.02 -29.41 -20.22
N ILE A 186 8.00 -29.30 -21.12
CA ILE A 186 7.72 -29.38 -22.55
C ILE A 186 7.89 -30.79 -23.08
N GLN A 187 9.00 -31.45 -22.74
CA GLN A 187 9.25 -32.80 -23.23
C GLN A 187 8.67 -33.88 -22.33
N ASN A 188 8.23 -33.53 -21.12
CA ASN A 188 7.73 -34.50 -20.15
C ASN A 188 8.76 -35.62 -19.92
N ALA A 189 10.00 -35.21 -19.66
CA ALA A 189 11.10 -36.12 -19.39
C ALA A 189 11.65 -35.80 -18.01
N PRO A 190 10.99 -36.28 -16.95
CA PRO A 190 11.41 -35.89 -15.60
C PRO A 190 12.81 -36.38 -15.22
N GLU A 191 13.17 -37.59 -15.64
CA GLU A 191 14.50 -38.11 -15.28
C GLU A 191 15.60 -37.29 -15.92
N GLN A 192 15.44 -36.93 -17.20
CA GLN A 192 16.40 -36.04 -17.85
C GLN A 192 16.42 -34.68 -17.18
N ALA A 193 15.24 -34.14 -16.87
CA ALA A 193 15.16 -32.85 -16.18
C ALA A 193 15.88 -32.90 -14.84
N CYS A 194 15.62 -33.94 -14.06
CA CYS A 194 16.25 -34.05 -12.75
C CYS A 194 17.75 -34.25 -12.85
N HIS A 195 18.20 -35.03 -13.83
CA HIS A 195 19.63 -35.28 -13.97
C HIS A 195 20.39 -34.00 -14.31
N LEU A 196 19.86 -33.21 -15.25
CA LEU A 196 20.53 -31.99 -15.65
C LEU A 196 20.55 -30.97 -14.52
N ALA A 197 19.41 -30.77 -13.85
CA ALA A 197 19.36 -29.81 -12.76
C ALA A 197 20.26 -30.23 -11.61
N LYS A 198 20.27 -31.52 -11.27
CA LYS A 198 21.07 -32.00 -10.15
C LYS A 198 22.56 -31.92 -10.45
N THR A 199 22.95 -32.21 -11.70
CA THR A 199 24.36 -32.14 -12.06
C THR A 199 24.86 -30.70 -12.02
N ALA A 200 24.11 -29.79 -12.63
CA ALA A 200 24.50 -28.38 -12.59
C ALA A 200 24.54 -27.85 -11.17
N PHE A 201 23.60 -28.28 -10.33
CA PHE A 201 23.57 -27.82 -8.94
C PHE A 201 24.84 -28.26 -8.21
N ASP A 202 25.16 -29.56 -8.25
CA ASP A 202 26.32 -30.03 -7.52
C ASP A 202 27.61 -29.47 -8.08
N ASP A 203 27.70 -29.34 -9.42
CA ASP A 203 28.90 -28.76 -10.03
C ASP A 203 29.20 -27.38 -9.48
N ALA A 204 28.15 -26.58 -9.26
CA ALA A 204 28.34 -25.23 -8.71
C ALA A 204 28.63 -25.27 -7.22
N ILE A 205 27.91 -26.11 -6.47
CA ILE A 205 28.15 -26.22 -5.03
C ILE A 205 29.60 -26.62 -4.77
N ALA A 206 30.13 -27.53 -5.59
CA ALA A 206 31.51 -27.97 -5.46
C ALA A 206 32.50 -26.81 -5.56
N GLU A 207 32.12 -25.72 -6.20
CA GLU A 207 32.99 -24.56 -6.38
C GLU A 207 32.35 -23.30 -5.80
N LEU A 208 31.66 -23.46 -4.67
CA LEU A 208 31.00 -22.33 -4.03
C LEU A 208 31.99 -21.24 -3.64
N ASP A 209 33.23 -21.62 -3.30
CA ASP A 209 34.24 -20.65 -2.94
C ASP A 209 34.63 -19.75 -4.12
N THR A 210 34.26 -20.11 -5.34
CA THR A 210 34.52 -19.27 -6.51
C THR A 210 33.50 -18.15 -6.68
N LEU A 211 32.48 -18.10 -5.82
CA LEU A 211 31.48 -17.04 -5.93
C LEU A 211 32.09 -15.70 -5.62
N ASN A 212 31.90 -14.74 -6.51
CA ASN A 212 32.37 -13.38 -6.33
C ASN A 212 31.21 -12.47 -5.93
N GLU A 213 31.53 -11.22 -5.63
CA GLU A 213 30.51 -10.24 -5.24
C GLU A 213 29.57 -9.92 -6.39
N ASP A 214 30.01 -10.10 -7.64
CA ASP A 214 29.16 -9.83 -8.79
C ASP A 214 28.32 -11.03 -9.20
N SER A 215 28.68 -12.24 -8.76
CA SER A 215 27.94 -13.45 -9.11
C SER A 215 27.15 -14.03 -7.95
N TYR A 216 27.45 -13.66 -6.71
CA TYR A 216 26.89 -14.34 -5.55
C TYR A 216 25.36 -14.33 -5.57
N LYS A 217 24.76 -13.14 -5.69
CA LYS A 217 23.31 -13.04 -5.61
C LYS A 217 22.64 -13.78 -6.77
N ASP A 218 23.14 -13.57 -7.99
CA ASP A 218 22.50 -14.19 -9.16
C ASP A 218 22.68 -15.70 -9.15
N SER A 219 23.88 -16.17 -8.83
CA SER A 219 24.15 -17.61 -8.89
C SER A 219 23.44 -18.36 -7.78
N THR A 220 23.51 -17.85 -6.54
CA THR A 220 22.85 -18.53 -5.44
C THR A 220 21.34 -18.50 -5.57
N LEU A 221 20.79 -17.48 -6.22
CA LEU A 221 19.35 -17.49 -6.50
C LEU A 221 18.98 -18.63 -7.44
N ILE A 222 19.77 -18.83 -8.49
CA ILE A 222 19.48 -19.90 -9.43
C ILE A 222 19.72 -21.26 -8.79
N MET A 223 20.74 -21.35 -7.92
CA MET A 223 20.95 -22.60 -7.17
C MET A 223 19.73 -22.91 -6.32
N GLN A 224 19.14 -21.89 -5.68
CA GLN A 224 17.93 -22.12 -4.89
C GLN A 224 16.79 -22.61 -5.77
N LEU A 225 16.66 -22.04 -6.98
CA LEU A 225 15.57 -22.43 -7.88
C LEU A 225 15.77 -23.85 -8.39
N LEU A 226 17.02 -24.24 -8.67
CA LEU A 226 17.29 -25.62 -9.05
C LEU A 226 16.86 -26.57 -7.94
N ARG A 227 17.20 -26.23 -6.69
CA ARG A 227 16.80 -27.06 -5.56
C ARG A 227 15.29 -27.07 -5.41
N ASP A 228 14.63 -25.92 -5.60
CA ASP A 228 13.17 -25.88 -5.50
C ASP A 228 12.51 -26.75 -6.55
N ASN A 229 12.98 -26.67 -7.80
CA ASN A 229 12.44 -27.52 -8.85
C ASN A 229 12.70 -28.99 -8.54
N LEU A 230 13.93 -29.32 -8.12
CA LEU A 230 14.25 -30.69 -7.76
C LEU A 230 13.36 -31.17 -6.62
N THR A 231 13.15 -30.33 -5.61
CA THR A 231 12.25 -30.68 -4.52
C THR A 231 10.83 -30.92 -5.04
N LEU A 232 10.40 -30.16 -6.04
CA LEU A 232 9.05 -30.32 -6.57
C LEU A 232 8.95 -31.55 -7.47
N TRP A 233 9.98 -31.81 -8.28
CA TRP A 233 9.92 -32.89 -9.25
C TRP A 233 10.14 -34.27 -8.65
N THR A 234 10.71 -34.35 -7.45
CA THR A 234 10.97 -35.65 -6.83
C THR A 234 9.88 -35.99 -5.82
N ASP B 3 -24.06 -8.04 -29.14
CA ASP B 3 -24.44 -8.81 -27.96
C ASP B 3 -23.89 -8.16 -26.69
N ARG B 4 -24.78 -7.48 -25.96
CA ARG B 4 -24.36 -6.70 -24.79
C ARG B 4 -23.75 -7.60 -23.71
N GLU B 5 -24.47 -8.66 -23.33
CA GLU B 5 -23.99 -9.52 -22.25
C GLU B 5 -22.62 -10.11 -22.56
N GLN B 6 -22.33 -10.38 -23.83
CA GLN B 6 -21.04 -10.94 -24.18
C GLN B 6 -19.93 -9.90 -24.08
N LEU B 7 -20.22 -8.64 -24.40
CA LEU B 7 -19.23 -7.60 -24.25
C LEU B 7 -18.87 -7.41 -22.78
N VAL B 8 -19.86 -7.54 -21.89
CA VAL B 8 -19.60 -7.43 -20.47
C VAL B 8 -18.75 -8.59 -19.98
N GLN B 9 -19.05 -9.80 -20.44
CA GLN B 9 -18.20 -10.95 -20.09
C GLN B 9 -16.77 -10.75 -20.57
N LYS B 10 -16.59 -10.16 -21.76
CA LYS B 10 -15.24 -9.90 -22.24
C LYS B 10 -14.52 -8.93 -21.34
N ALA B 11 -15.22 -7.90 -20.84
CA ALA B 11 -14.59 -6.97 -19.91
C ALA B 11 -14.20 -7.67 -18.62
N ARG B 12 -15.06 -8.55 -18.10
CA ARG B 12 -14.68 -9.31 -16.92
C ARG B 12 -13.48 -10.18 -17.19
N LEU B 13 -13.44 -10.81 -18.36
CA LEU B 13 -12.34 -11.69 -18.73
C LEU B 13 -11.04 -10.90 -18.85
N ALA B 14 -11.10 -9.72 -19.46
CA ALA B 14 -9.92 -8.87 -19.60
C ALA B 14 -9.41 -8.44 -18.24
N GLU B 15 -10.30 -8.12 -17.30
CA GLU B 15 -9.86 -7.71 -15.97
C GLU B 15 -9.06 -8.81 -15.30
N GLN B 16 -9.54 -10.06 -15.36
CA GLN B 16 -8.80 -11.16 -14.75
C GLN B 16 -7.46 -11.37 -15.45
N ALA B 17 -7.41 -11.19 -16.77
CA ALA B 17 -6.16 -11.27 -17.52
C ALA B 17 -5.27 -10.04 -17.36
N GLU B 18 -5.71 -9.06 -16.57
CA GLU B 18 -4.96 -7.83 -16.34
C GLU B 18 -4.63 -7.13 -17.67
N ARG B 19 -5.58 -7.18 -18.60
CA ARG B 19 -5.47 -6.48 -19.88
C ARG B 19 -6.51 -5.37 -19.88
N TYR B 20 -6.13 -4.22 -19.30
CA TYR B 20 -7.11 -3.17 -19.03
C TYR B 20 -7.47 -2.36 -20.28
N ASP B 21 -6.56 -2.28 -21.25
CA ASP B 21 -6.93 -1.63 -22.51
C ASP B 21 -8.04 -2.41 -23.21
N ASP B 22 -7.94 -3.75 -23.20
CA ASP B 22 -9.01 -4.59 -23.75
C ASP B 22 -10.31 -4.40 -22.96
N MET B 23 -10.20 -4.31 -21.63
CA MET B 23 -11.38 -4.15 -20.80
C MET B 23 -12.07 -2.83 -21.12
N ALA B 24 -11.29 -1.77 -21.30
CA ALA B 24 -11.86 -0.46 -21.65
C ALA B 24 -12.49 -0.48 -23.02
N ALA B 25 -11.86 -1.15 -23.99
CA ALA B 25 -12.44 -1.24 -25.32
C ALA B 25 -13.80 -1.94 -25.28
N ALA B 26 -13.92 -2.99 -24.46
CA ALA B 26 -15.20 -3.69 -24.35
C ALA B 26 -16.26 -2.80 -23.72
N MET B 27 -15.92 -2.12 -22.62
CA MET B 27 -16.90 -1.27 -21.95
C MET B 27 -17.18 0.00 -22.74
N LYS B 28 -16.22 0.46 -23.55
CA LYS B 28 -16.53 1.53 -24.49
C LYS B 28 -17.55 1.07 -25.52
N ASN B 29 -17.43 -0.19 -25.96
CA ASN B 29 -18.42 -0.74 -26.90
C ASN B 29 -19.79 -0.84 -26.25
N VAL B 30 -19.84 -1.27 -24.98
CA VAL B 30 -21.11 -1.33 -24.26
C VAL B 30 -21.75 0.05 -24.17
N THR B 31 -20.93 1.06 -23.84
CA THR B 31 -21.44 2.42 -23.70
C THR B 31 -22.01 2.94 -25.01
N GLU B 32 -21.36 2.62 -26.14
CA GLU B 32 -21.80 3.12 -27.44
C GLU B 32 -23.08 2.45 -27.93
N LEU B 33 -23.57 1.43 -27.23
CA LEU B 33 -24.91 0.92 -27.51
C LEU B 33 -25.98 1.93 -27.12
N ASN B 34 -25.61 3.01 -26.42
CA ASN B 34 -26.47 4.17 -26.20
C ASN B 34 -27.64 3.88 -25.27
N GLU B 35 -27.48 2.92 -24.37
CA GLU B 35 -28.46 2.68 -23.32
C GLU B 35 -27.84 2.98 -21.96
N PRO B 36 -28.65 3.31 -20.95
CA PRO B 36 -28.11 3.55 -19.62
C PRO B 36 -27.38 2.33 -19.10
N LEU B 37 -26.21 2.56 -18.51
CA LEU B 37 -25.46 1.46 -17.92
C LEU B 37 -26.06 1.04 -16.59
N SER B 38 -26.07 -0.26 -16.34
CA SER B 38 -26.35 -0.78 -15.01
C SER B 38 -25.22 -0.39 -14.06
N ASN B 39 -25.49 -0.50 -12.75
CA ASN B 39 -24.45 -0.21 -11.78
C ASN B 39 -23.24 -1.13 -12.00
N GLU B 40 -23.50 -2.38 -12.36
CA GLU B 40 -22.42 -3.33 -12.64
C GLU B 40 -21.58 -2.86 -13.83
N GLU B 41 -22.25 -2.48 -14.92
CA GLU B 41 -21.54 -2.01 -16.11
C GLU B 41 -20.83 -0.69 -15.83
N ARG B 42 -21.47 0.20 -15.07
CA ARG B 42 -20.85 1.47 -14.74
C ARG B 42 -19.53 1.26 -14.01
N ASN B 43 -19.50 0.30 -13.09
CA ASN B 43 -18.29 0.06 -12.31
C ASN B 43 -17.20 -0.58 -13.17
N LEU B 44 -17.58 -1.50 -14.06
CA LEU B 44 -16.59 -2.10 -14.96
C LEU B 44 -15.96 -1.05 -15.87
N LEU B 45 -16.77 -0.12 -16.38
CA LEU B 45 -16.23 0.96 -17.20
C LEU B 45 -15.27 1.83 -16.40
N SER B 46 -15.66 2.17 -15.17
CA SER B 46 -14.81 3.03 -14.33
C SER B 46 -13.52 2.31 -13.96
N VAL B 47 -13.61 1.05 -13.54
CA VAL B 47 -12.41 0.29 -13.20
C VAL B 47 -11.47 0.20 -14.39
N ALA B 48 -12.01 -0.06 -15.57
CA ALA B 48 -11.18 -0.22 -16.77
C ALA B 48 -10.38 1.04 -17.05
N TYR B 49 -11.07 2.17 -17.19
CA TYR B 49 -10.35 3.39 -17.56
C TYR B 49 -9.49 3.91 -16.42
N LYS B 50 -9.90 3.70 -15.16
CA LYS B 50 -9.03 4.08 -14.05
C LYS B 50 -7.68 3.37 -14.13
N ASN B 51 -7.69 2.09 -14.48
CA ASN B 51 -6.44 1.35 -14.60
C ASN B 51 -5.65 1.76 -15.84
N VAL B 52 -6.35 2.04 -16.93
CA VAL B 52 -5.67 2.49 -18.15
C VAL B 52 -4.98 3.83 -17.92
N VAL B 53 -5.74 4.83 -17.44
CA VAL B 53 -5.13 6.13 -17.23
C VAL B 53 -4.16 6.09 -16.06
N GLY B 54 -4.41 5.22 -15.07
CA GLY B 54 -3.56 5.17 -13.89
C GLY B 54 -2.16 4.70 -14.22
N ALA B 55 -2.04 3.77 -15.18
CA ALA B 55 -0.71 3.33 -15.59
C ALA B 55 0.08 4.47 -16.23
N ARG B 56 -0.59 5.29 -17.05
CA ARG B 56 0.08 6.44 -17.66
C ARG B 56 0.43 7.49 -16.61
N ARG B 57 -0.48 7.74 -15.66
CA ARG B 57 -0.19 8.71 -14.60
C ARG B 57 1.02 8.28 -13.80
N SER B 58 1.11 6.99 -13.47
CA SER B 58 2.25 6.48 -12.71
C SER B 58 3.54 6.62 -13.52
N SER B 59 3.49 6.28 -14.81
CA SER B 59 4.68 6.41 -15.65
C SER B 59 5.09 7.87 -15.79
N TRP B 60 4.12 8.76 -15.97
CA TRP B 60 4.42 10.19 -16.08
C TRP B 60 5.11 10.71 -14.83
N ARG B 61 4.64 10.29 -13.66
CA ARG B 61 5.23 10.77 -12.42
C ARG B 61 6.66 10.27 -12.25
N VAL B 62 6.94 9.05 -12.69
CA VAL B 62 8.33 8.56 -12.66
C VAL B 62 9.21 9.40 -13.57
N ILE B 63 8.76 9.63 -14.80
CA ILE B 63 9.57 10.37 -15.77
C ILE B 63 9.72 11.83 -15.34
N SER B 64 8.65 12.41 -14.80
CA SER B 64 8.71 13.81 -14.37
C SER B 64 9.69 13.99 -13.23
N SER B 65 9.73 13.05 -12.29
CA SER B 65 10.71 13.12 -11.20
C SER B 65 12.12 12.96 -11.73
N ILE B 66 12.33 12.04 -12.68
CA ILE B 66 13.64 11.87 -13.29
C ILE B 66 14.07 13.16 -13.99
N GLU B 67 13.15 13.79 -14.72
CA GLU B 67 13.47 15.02 -15.42
C GLU B 67 13.92 16.11 -14.46
N GLN B 68 13.21 16.26 -13.34
CA GLN B 68 13.59 17.27 -12.36
C GLN B 68 14.91 16.92 -11.69
N LYS B 69 15.03 15.70 -11.18
CA LYS B 69 16.24 15.29 -10.47
C LYS B 69 17.45 15.18 -11.38
N THR B 70 17.25 15.12 -12.69
CA THR B 70 18.37 15.07 -13.64
C THR B 70 18.49 16.39 -14.39
N GLU B 76 22.92 17.36 -20.82
CA GLU B 76 21.87 18.11 -21.50
C GLU B 76 21.23 17.28 -22.61
N LYS B 77 22.05 16.49 -23.31
CA LYS B 77 21.53 15.61 -24.34
C LYS B 77 20.58 14.56 -23.75
N LYS B 78 20.83 14.15 -22.50
CA LYS B 78 19.91 13.23 -21.83
C LYS B 78 18.64 13.93 -21.40
N ILE B 79 18.72 15.22 -21.08
CA ILE B 79 17.54 15.96 -20.61
C ILE B 79 16.51 16.09 -21.73
N GLU B 80 16.96 16.44 -22.94
CA GLU B 80 16.03 16.61 -24.04
C GLU B 80 15.36 15.30 -24.42
N MET B 81 16.04 14.17 -24.23
CA MET B 81 15.39 12.88 -24.44
C MET B 81 14.34 12.62 -23.37
N VAL B 82 14.64 12.96 -22.11
CA VAL B 82 13.68 12.75 -21.04
C VAL B 82 12.43 13.60 -21.26
N ARG B 83 12.62 14.84 -21.73
CA ARG B 83 11.47 15.70 -21.99
C ARG B 83 10.62 15.18 -23.14
N ALA B 84 11.27 14.64 -24.17
CA ALA B 84 10.52 14.07 -25.29
C ALA B 84 9.76 12.82 -24.88
N TYR B 85 10.38 11.98 -24.04
CA TYR B 85 9.68 10.79 -23.56
C TYR B 85 8.50 11.16 -22.67
N ARG B 86 8.66 12.18 -21.84
CA ARG B 86 7.53 12.62 -21.02
C ARG B 86 6.38 13.09 -21.90
N GLU B 87 6.69 13.84 -22.97
CA GLU B 87 5.64 14.32 -23.85
C GLU B 87 4.94 13.17 -24.56
N LYS B 88 5.70 12.12 -24.93
CA LYS B 88 5.07 10.94 -25.51
C LYS B 88 4.05 10.34 -24.55
N ILE B 89 4.42 10.22 -23.28
CA ILE B 89 3.48 9.70 -22.28
C ILE B 89 2.30 10.64 -22.11
N GLU B 90 2.56 11.94 -22.14
CA GLU B 90 1.48 12.91 -22.02
C GLU B 90 0.48 12.76 -23.16
N LYS B 91 0.96 12.60 -24.39
CA LYS B 91 0.05 12.43 -25.52
C LYS B 91 -0.81 11.19 -25.35
N GLU B 92 -0.23 10.10 -24.83
CA GLU B 92 -1.00 8.89 -24.56
C GLU B 92 -2.07 9.13 -23.50
N LEU B 93 -1.65 9.74 -22.38
CA LEU B 93 -2.59 10.02 -21.30
C LEU B 93 -3.71 10.94 -21.78
N GLU B 94 -3.36 11.96 -22.57
CA GLU B 94 -4.37 12.90 -23.06
C GLU B 94 -5.35 12.22 -24.02
N ALA B 95 -4.88 11.22 -24.77
CA ALA B 95 -5.79 10.49 -25.65
C ALA B 95 -6.76 9.61 -24.85
N VAL B 96 -6.29 9.03 -23.75
CA VAL B 96 -7.17 8.23 -22.90
C VAL B 96 -8.26 9.13 -22.30
N CYS B 97 -7.85 10.27 -21.75
CA CYS B 97 -8.82 11.20 -21.17
C CYS B 97 -9.80 11.69 -22.22
N GLN B 98 -9.32 11.94 -23.45
CA GLN B 98 -10.21 12.38 -24.52
C GLN B 98 -11.30 11.35 -24.79
N ASP B 99 -10.94 10.07 -24.81
CA ASP B 99 -11.93 9.03 -25.05
C ASP B 99 -12.95 8.95 -23.93
N VAL B 100 -12.50 9.04 -22.68
CA VAL B 100 -13.42 8.98 -21.55
C VAL B 100 -14.34 10.20 -21.55
N LEU B 101 -13.77 11.39 -21.72
CA LEU B 101 -14.58 12.60 -21.71
C LEU B 101 -15.59 12.60 -22.85
N SER B 102 -15.22 12.02 -24.00
CA SER B 102 -16.18 11.91 -25.10
C SER B 102 -17.30 10.93 -24.76
N LEU B 103 -16.97 9.80 -24.14
CA LEU B 103 -18.00 8.88 -23.68
C LEU B 103 -18.94 9.56 -22.69
N LEU B 104 -18.38 10.35 -21.77
CA LEU B 104 -19.20 11.02 -20.77
C LEU B 104 -20.14 12.05 -21.42
N ASP B 105 -19.62 12.83 -22.36
CA ASP B 105 -20.41 13.93 -22.90
C ASP B 105 -21.39 13.46 -23.98
N ASN B 106 -21.08 12.37 -24.67
CA ASN B 106 -21.91 11.92 -25.78
C ASN B 106 -22.87 10.81 -25.40
N TYR B 107 -22.55 9.99 -24.40
CA TYR B 107 -23.42 8.89 -24.00
C TYR B 107 -23.82 8.94 -22.53
N LEU B 108 -22.86 9.01 -21.61
CA LEU B 108 -23.14 8.66 -20.22
C LEU B 108 -23.96 9.74 -19.51
N ILE B 109 -23.46 10.98 -19.53
CA ILE B 109 -24.23 12.08 -18.94
C ILE B 109 -25.53 12.29 -19.71
N LYS B 110 -25.48 12.15 -21.03
CA LYS B 110 -26.66 12.35 -21.86
C LYS B 110 -27.77 11.36 -21.49
N ASN B 111 -27.43 10.10 -21.24
CA ASN B 111 -28.43 9.06 -21.05
C ASN B 111 -28.94 8.96 -19.61
N CYS B 112 -28.58 9.91 -18.75
CA CYS B 112 -29.14 9.94 -17.41
C CYS B 112 -30.56 10.51 -17.47
N SER B 113 -31.50 9.78 -16.88
CA SER B 113 -32.85 10.31 -16.75
C SER B 113 -32.85 11.52 -15.81
N GLU B 114 -33.97 12.24 -15.80
CA GLU B 114 -34.04 13.48 -15.03
C GLU B 114 -33.83 13.24 -13.54
N THR B 115 -34.14 12.04 -13.05
CA THR B 115 -34.05 11.73 -11.62
C THR B 115 -33.07 10.60 -11.32
N GLN B 116 -32.16 10.28 -12.24
CA GLN B 116 -31.07 9.36 -11.92
C GLN B 116 -29.88 10.17 -11.38
N TYR B 117 -30.10 10.76 -10.20
CA TYR B 117 -29.13 11.69 -9.63
C TYR B 117 -27.85 10.97 -9.22
N GLU B 118 -27.95 9.73 -8.75
CA GLU B 118 -26.76 8.96 -8.42
C GLU B 118 -25.82 8.85 -9.62
N SER B 119 -26.37 8.44 -10.77
CA SER B 119 -25.56 8.34 -11.97
C SER B 119 -25.06 9.72 -12.42
N LYS B 120 -25.89 10.75 -12.28
CA LYS B 120 -25.47 12.10 -12.67
C LYS B 120 -24.25 12.54 -11.86
N VAL B 121 -24.28 12.34 -10.55
CA VAL B 121 -23.13 12.72 -9.72
C VAL B 121 -21.92 11.86 -10.09
N PHE B 122 -22.13 10.55 -10.24
CA PHE B 122 -21.04 9.64 -10.60
C PHE B 122 -20.33 10.11 -11.87
N TYR B 123 -21.09 10.42 -12.92
CA TYR B 123 -20.48 10.76 -14.20
C TYR B 123 -19.92 12.17 -14.21
N LEU B 124 -20.56 13.12 -13.53
CA LEU B 124 -20.01 14.46 -13.47
C LEU B 124 -18.72 14.47 -12.65
N LYS B 125 -18.68 13.72 -11.55
CA LYS B 125 -17.43 13.55 -10.81
C LYS B 125 -16.35 12.92 -11.69
N MET B 126 -16.72 11.90 -12.46
CA MET B 126 -15.77 11.29 -13.40
C MET B 126 -15.27 12.32 -14.40
N LYS B 127 -16.16 13.18 -14.90
CA LYS B 127 -15.76 14.24 -15.80
C LYS B 127 -14.77 15.17 -15.13
N GLY B 128 -15.01 15.53 -13.87
CA GLY B 128 -14.06 16.34 -13.14
C GLY B 128 -12.73 15.64 -12.94
N ASP B 129 -12.79 14.33 -12.67
CA ASP B 129 -11.58 13.54 -12.49
C ASP B 129 -10.70 13.57 -13.74
N TYR B 130 -11.30 13.34 -14.90
CA TYR B 130 -10.46 13.17 -16.08
C TYR B 130 -9.96 14.51 -16.61
N TYR B 131 -10.72 15.60 -16.41
CA TYR B 131 -10.12 16.92 -16.65
C TYR B 131 -9.01 17.22 -15.65
N ARG B 132 -9.14 16.74 -14.41
CA ARG B 132 -8.07 16.91 -13.45
C ARG B 132 -6.82 16.15 -13.88
N TYR B 133 -6.99 14.95 -14.44
CA TYR B 133 -5.83 14.22 -14.95
C TYR B 133 -5.19 14.93 -16.13
N LEU B 134 -6.00 15.58 -16.97
CA LEU B 134 -5.44 16.43 -18.03
C LEU B 134 -4.65 17.60 -17.44
N ALA B 135 -5.19 18.23 -16.39
CA ALA B 135 -4.51 19.36 -15.77
C ALA B 135 -3.18 18.96 -15.13
N GLU B 136 -3.09 17.73 -14.63
CA GLU B 136 -1.84 17.26 -14.01
C GLU B 136 -0.66 17.35 -14.97
N VAL B 137 -0.90 17.22 -16.27
CA VAL B 137 0.18 17.17 -17.25
C VAL B 137 0.17 18.37 -18.18
N ALA B 138 -0.64 19.38 -17.89
CA ALA B 138 -0.74 20.56 -18.73
C ALA B 138 0.01 21.73 -18.12
N THR B 139 0.40 22.67 -18.97
CA THR B 139 1.02 23.90 -18.52
C THR B 139 0.34 25.09 -19.21
N GLY B 140 0.54 26.26 -18.63
CA GLY B 140 0.17 27.52 -19.28
C GLY B 140 -1.32 27.65 -19.54
N GLU B 141 -1.65 28.22 -20.70
CA GLU B 141 -3.04 28.49 -21.03
C GLU B 141 -3.83 27.19 -21.21
N LYS B 142 -3.18 26.16 -21.76
CA LYS B 142 -3.85 24.87 -21.90
C LYS B 142 -4.23 24.31 -20.53
N ARG B 143 -3.35 24.48 -19.53
CA ARG B 143 -3.68 24.04 -18.18
C ARG B 143 -4.86 24.80 -17.61
N ALA B 144 -4.87 26.12 -17.74
CA ALA B 144 -5.97 26.91 -17.20
C ALA B 144 -7.31 26.48 -17.78
N THR B 145 -7.32 26.04 -19.04
CA THR B 145 -8.57 25.65 -19.68
C THR B 145 -9.14 24.36 -19.09
N VAL B 146 -8.30 23.34 -18.90
CA VAL B 146 -8.83 22.09 -18.37
C VAL B 146 -9.07 22.19 -16.87
N VAL B 147 -8.34 23.08 -16.17
CA VAL B 147 -8.63 23.32 -14.76
C VAL B 147 -10.02 23.91 -14.60
N GLU B 148 -10.39 24.86 -15.47
CA GLU B 148 -11.73 25.42 -15.41
C GLU B 148 -12.79 24.36 -15.70
N SER B 149 -12.53 23.50 -16.70
CA SER B 149 -13.47 22.43 -17.02
C SER B 149 -13.62 21.45 -15.87
N SER B 150 -12.51 21.12 -15.20
CA SER B 150 -12.58 20.21 -14.06
C SER B 150 -13.41 20.80 -12.93
N GLU B 151 -13.15 22.07 -12.61
CA GLU B 151 -13.90 22.75 -11.56
C GLU B 151 -15.39 22.83 -11.90
N LYS B 152 -15.72 23.09 -13.17
CA LYS B 152 -17.12 23.21 -13.56
C LYS B 152 -17.86 21.89 -13.39
N ALA B 153 -17.20 20.77 -13.73
CA ALA B 153 -17.83 19.47 -13.60
C ALA B 153 -18.01 19.08 -12.14
N TYR B 154 -16.94 19.26 -11.33
CA TYR B 154 -17.05 18.96 -9.90
C TYR B 154 -18.15 19.80 -9.25
N SER B 155 -18.24 21.07 -9.63
CA SER B 155 -19.23 21.95 -9.02
C SER B 155 -20.65 21.51 -9.36
N GLU B 156 -20.90 21.15 -10.62
CA GLU B 156 -22.21 20.62 -11.00
C GLU B 156 -22.54 19.35 -10.23
N ALA B 157 -21.57 18.43 -10.13
CA ALA B 157 -21.80 17.22 -9.34
C ALA B 157 -22.08 17.56 -7.90
N HIS B 158 -21.38 18.55 -7.35
CA HIS B 158 -21.55 18.90 -5.95
C HIS B 158 -22.97 19.41 -5.67
N GLU B 159 -23.49 20.28 -6.55
CA GLU B 159 -24.81 20.84 -6.32
C GLU B 159 -25.89 19.76 -6.39
N ILE B 160 -25.75 18.80 -7.31
CA ILE B 160 -26.70 17.69 -7.38
C ILE B 160 -26.56 16.80 -6.15
N SER B 161 -25.33 16.52 -5.73
CA SER B 161 -25.10 15.66 -4.59
C SER B 161 -25.65 16.25 -3.30
N LYS B 162 -25.48 17.57 -3.11
CA LYS B 162 -26.02 18.22 -1.92
C LYS B 162 -27.54 18.18 -1.91
N GLU B 163 -28.15 18.36 -3.08
CA GLU B 163 -29.61 18.44 -3.12
C GLU B 163 -30.26 17.10 -2.90
N HIS B 164 -29.67 16.02 -3.43
CA HIS B 164 -30.38 14.76 -3.54
C HIS B 164 -29.80 13.60 -2.73
N MET B 165 -28.52 13.61 -2.39
CA MET B 165 -27.92 12.48 -1.70
C MET B 165 -27.65 12.82 -0.23
N GLN B 166 -27.69 11.78 0.62
CA GLN B 166 -27.39 12.00 2.02
C GLN B 166 -25.88 12.08 2.24
N PRO B 167 -25.43 12.77 3.28
CA PRO B 167 -23.98 12.97 3.48
C PRO B 167 -23.19 11.68 3.62
N THR B 168 -23.81 10.58 4.05
CA THR B 168 -23.12 9.30 4.18
C THR B 168 -23.02 8.53 2.89
N HIS B 169 -23.65 9.00 1.82
CA HIS B 169 -23.62 8.27 0.57
C HIS B 169 -22.19 8.19 0.05
N PRO B 170 -21.70 6.99 -0.32
CA PRO B 170 -20.30 6.90 -0.75
C PRO B 170 -19.96 7.73 -1.97
N ILE B 171 -20.93 7.97 -2.86
CA ILE B 171 -20.64 8.79 -4.03
C ILE B 171 -20.52 10.26 -3.65
N ARG B 172 -21.36 10.72 -2.71
CA ARG B 172 -21.22 12.08 -2.20
C ARG B 172 -19.90 12.27 -1.48
N LEU B 173 -19.51 11.28 -0.67
CA LEU B 173 -18.23 11.36 0.04
C LEU B 173 -17.06 11.31 -0.93
N GLY B 174 -17.12 10.40 -1.90
CA GLY B 174 -16.05 10.29 -2.87
C GLY B 174 -15.93 11.52 -3.75
N LEU B 175 -17.05 12.18 -4.03
CA LEU B 175 -16.99 13.45 -4.74
C LEU B 175 -16.27 14.50 -3.91
N ALA B 176 -16.61 14.60 -2.63
CA ALA B 176 -15.93 15.55 -1.76
C ALA B 176 -14.44 15.26 -1.68
N LEU B 177 -14.07 13.98 -1.59
CA LEU B 177 -12.66 13.61 -1.53
C LEU B 177 -11.91 14.09 -2.76
N ASN B 178 -12.40 13.75 -3.95
CA ASN B 178 -11.69 14.09 -5.18
C ASN B 178 -11.75 15.60 -5.46
N TYR B 179 -12.89 16.22 -5.18
CA TYR B 179 -13.01 17.66 -5.34
C TYR B 179 -12.02 18.40 -4.44
N SER B 180 -11.86 17.93 -3.20
CA SER B 180 -10.90 18.55 -2.29
C SER B 180 -9.47 18.33 -2.77
N VAL B 181 -9.19 17.17 -3.38
CA VAL B 181 -7.87 16.94 -3.95
C VAL B 181 -7.62 17.90 -5.10
N PHE B 182 -8.64 18.14 -5.92
CA PHE B 182 -8.56 19.14 -6.98
C PHE B 182 -8.17 20.50 -6.41
N TYR B 183 -8.87 20.95 -5.36
CA TYR B 183 -8.52 22.22 -4.73
C TYR B 183 -7.08 22.22 -4.25
N TYR B 184 -6.68 21.15 -3.55
CA TYR B 184 -5.36 21.14 -2.91
C TYR B 184 -4.25 21.03 -3.94
N GLU B 185 -4.34 20.04 -4.83
CA GLU B 185 -3.22 19.71 -5.72
C GLU B 185 -3.22 20.52 -7.00
N ILE B 186 -4.40 20.85 -7.54
CA ILE B 186 -4.48 21.51 -8.84
C ILE B 186 -4.58 23.02 -8.68
N GLN B 187 -5.56 23.49 -7.88
CA GLN B 187 -5.74 24.92 -7.69
C GLN B 187 -4.76 25.52 -6.69
N ASN B 188 -4.03 24.69 -5.94
CA ASN B 188 -3.18 25.16 -4.85
C ASN B 188 -3.97 26.06 -3.90
N ALA B 189 -5.16 25.60 -3.54
CA ALA B 189 -6.08 26.31 -2.64
C ALA B 189 -6.33 25.42 -1.43
N PRO B 190 -5.34 25.28 -0.55
CA PRO B 190 -5.48 24.31 0.55
C PRO B 190 -6.57 24.65 1.55
N GLU B 191 -6.91 25.94 1.70
CA GLU B 191 -7.99 26.31 2.61
C GLU B 191 -9.34 25.83 2.09
N GLN B 192 -9.60 26.03 0.79
CA GLN B 192 -10.82 25.49 0.20
C GLN B 192 -10.84 23.97 0.27
N ALA B 193 -9.70 23.34 0.00
CA ALA B 193 -9.61 21.89 0.08
C ALA B 193 -9.94 21.39 1.48
N CYS B 194 -9.35 22.03 2.49
CA CYS B 194 -9.55 21.60 3.87
C CYS B 194 -11.01 21.78 4.30
N HIS B 195 -11.62 22.92 3.93
CA HIS B 195 -13.01 23.16 4.30
C HIS B 195 -13.94 22.12 3.68
N LEU B 196 -13.72 21.80 2.40
CA LEU B 196 -14.59 20.84 1.72
C LEU B 196 -14.48 19.45 2.35
N ALA B 197 -13.25 19.00 2.60
CA ALA B 197 -13.06 17.66 3.15
C ALA B 197 -13.57 17.58 4.59
N LYS B 198 -13.33 18.62 5.38
CA LYS B 198 -13.80 18.60 6.77
C LYS B 198 -15.31 18.64 6.85
N THR B 199 -15.96 19.48 6.02
CA THR B 199 -17.41 19.54 6.02
C THR B 199 -18.01 18.19 5.66
N ALA B 200 -17.47 17.53 4.62
CA ALA B 200 -17.99 16.23 4.21
C ALA B 200 -17.82 15.19 5.31
N PHE B 201 -16.66 15.17 5.96
CA PHE B 201 -16.42 14.22 7.04
C PHE B 201 -17.38 14.45 8.19
N ASP B 202 -17.50 15.71 8.62
CA ASP B 202 -18.32 16.03 9.78
C ASP B 202 -19.80 15.80 9.50
N ASP B 203 -20.25 16.09 8.28
CA ASP B 203 -21.67 15.92 7.98
C ASP B 203 -22.04 14.43 7.87
N ALA B 204 -21.08 13.57 7.55
CA ALA B 204 -21.34 12.14 7.49
C ALA B 204 -21.29 11.47 8.86
N ILE B 205 -20.58 12.07 9.81
CA ILE B 205 -20.49 11.51 11.16
C ILE B 205 -21.89 11.33 11.77
N ALA B 206 -22.82 12.22 11.42
CA ALA B 206 -24.12 12.24 12.08
C ALA B 206 -24.84 10.90 11.98
N GLU B 207 -24.86 10.30 10.78
CA GLU B 207 -25.66 9.13 10.50
C GLU B 207 -24.84 7.86 10.34
N LEU B 208 -23.68 7.78 11.00
CA LEU B 208 -22.87 6.57 10.91
C LEU B 208 -23.51 5.40 11.65
N ASP B 209 -24.21 5.66 12.75
CA ASP B 209 -24.87 4.59 13.49
C ASP B 209 -26.02 3.96 12.70
N THR B 210 -26.57 4.68 11.71
CA THR B 210 -27.71 4.19 10.96
C THR B 210 -27.32 3.24 9.85
N LEU B 211 -26.04 3.18 9.49
CA LEU B 211 -25.60 2.41 8.33
C LEU B 211 -25.56 0.91 8.64
N ASN B 212 -25.84 0.11 7.62
CA ASN B 212 -25.70 -1.34 7.71
C ASN B 212 -24.22 -1.72 7.61
N GLU B 213 -23.94 -3.02 7.73
CA GLU B 213 -22.55 -3.49 7.72
C GLU B 213 -21.86 -3.15 6.41
N ASP B 214 -22.55 -3.30 5.29
CA ASP B 214 -21.94 -3.02 3.99
C ASP B 214 -21.69 -1.53 3.81
N SER B 215 -22.73 -0.71 4.03
CA SER B 215 -22.58 0.73 3.85
C SER B 215 -21.59 1.32 4.83
N TYR B 216 -21.56 0.78 6.06
CA TYR B 216 -20.58 1.26 7.03
C TYR B 216 -19.17 1.11 6.50
N LYS B 217 -18.88 0.00 5.81
CA LYS B 217 -17.53 -0.24 5.31
C LYS B 217 -17.18 0.74 4.19
N ASP B 218 -18.05 0.87 3.20
CA ASP B 218 -17.76 1.76 2.06
C ASP B 218 -17.63 3.21 2.50
N SER B 219 -18.51 3.68 3.37
CA SER B 219 -18.48 5.07 3.78
C SER B 219 -17.29 5.34 4.70
N THR B 220 -17.04 4.47 5.68
CA THR B 220 -15.90 4.67 6.57
C THR B 220 -14.58 4.61 5.82
N LEU B 221 -14.52 3.86 4.73
CA LEU B 221 -13.30 3.81 3.94
C LEU B 221 -12.97 5.19 3.37
N ILE B 222 -13.96 5.85 2.76
CA ILE B 222 -13.73 7.17 2.21
C ILE B 222 -13.49 8.19 3.31
N MET B 223 -14.17 8.04 4.46
CA MET B 223 -13.94 8.94 5.57
C MET B 223 -12.50 8.82 6.07
N GLN B 224 -11.94 7.61 6.06
CA GLN B 224 -10.54 7.45 6.41
C GLN B 224 -9.64 8.19 5.43
N LEU B 225 -9.97 8.16 4.13
CA LEU B 225 -9.16 8.86 3.15
C LEU B 225 -9.27 10.37 3.32
N LEU B 226 -10.48 10.85 3.63
CA LEU B 226 -10.64 12.27 3.93
C LEU B 226 -9.81 12.67 5.15
N ARG B 227 -9.89 11.87 6.21
CA ARG B 227 -9.13 12.17 7.42
C ARG B 227 -7.63 12.14 7.15
N ASP B 228 -7.16 11.12 6.41
CA ASP B 228 -5.74 11.03 6.10
C ASP B 228 -5.25 12.24 5.31
N ASN B 229 -6.04 12.68 4.33
CA ASN B 229 -5.68 13.88 3.57
C ASN B 229 -5.60 15.10 4.49
N LEU B 230 -6.58 15.26 5.38
CA LEU B 230 -6.62 16.43 6.25
C LEU B 230 -5.40 16.49 7.16
N THR B 231 -4.98 15.34 7.69
CA THR B 231 -3.77 15.32 8.52
C THR B 231 -2.52 15.56 7.68
N LEU B 232 -2.51 15.06 6.44
CA LEU B 232 -1.38 15.32 5.56
C LEU B 232 -1.25 16.82 5.28
N TRP B 233 -2.39 17.49 5.06
CA TRP B 233 -2.41 18.91 4.72
C TRP B 233 -2.12 19.83 5.89
N THR B 234 -2.15 19.32 7.12
CA THR B 234 -1.89 20.14 8.30
C THR B 234 -0.78 19.55 9.17
N ASP C 3 21.85 0.02 33.13
CA ASP C 3 22.75 0.89 32.37
C ASP C 3 21.99 2.10 31.83
N ARG C 4 22.70 2.96 31.10
CA ARG C 4 22.10 4.10 30.43
C ARG C 4 22.05 3.93 28.93
N GLU C 5 23.13 3.44 28.31
CA GLU C 5 23.14 3.20 26.88
C GLU C 5 22.14 2.13 26.48
N GLN C 6 21.86 1.19 27.38
CA GLN C 6 20.83 0.19 27.10
C GLN C 6 19.44 0.81 27.10
N LEU C 7 19.20 1.78 27.99
CA LEU C 7 17.93 2.48 28.00
C LEU C 7 17.73 3.28 26.72
N VAL C 8 18.79 3.93 26.24
CA VAL C 8 18.68 4.72 25.02
C VAL C 8 18.52 3.80 23.81
N GLN C 9 19.20 2.65 23.81
CA GLN C 9 18.96 1.66 22.77
C GLN C 9 17.52 1.18 22.80
N LYS C 10 16.96 1.00 24.00
CA LYS C 10 15.56 0.63 24.13
C LYS C 10 14.64 1.67 23.50
N ALA C 11 14.95 2.96 23.72
CA ALA C 11 14.15 4.01 23.12
C ALA C 11 14.25 4.01 21.60
N ARG C 12 15.44 3.73 21.07
CA ARG C 12 15.59 3.68 19.62
C ARG C 12 14.83 2.49 19.03
N LEU C 13 14.83 1.36 19.74
CA LEU C 13 14.07 0.20 19.29
C LEU C 13 12.58 0.49 19.29
N ALA C 14 12.08 1.08 20.38
CA ALA C 14 10.66 1.38 20.48
C ALA C 14 10.21 2.34 19.37
N GLU C 15 11.07 3.32 19.04
CA GLU C 15 10.74 4.23 17.96
C GLU C 15 10.63 3.50 16.63
N GLN C 16 11.55 2.59 16.34
CA GLN C 16 11.47 1.84 15.08
C GLN C 16 10.23 0.97 15.05
N ALA C 17 9.83 0.43 16.20
CA ALA C 17 8.62 -0.39 16.30
C ALA C 17 7.36 0.44 16.47
N GLU C 18 7.48 1.77 16.46
CA GLU C 18 6.35 2.69 16.60
C GLU C 18 5.58 2.42 17.89
N ARG C 19 6.33 2.17 18.97
CA ARG C 19 5.76 1.95 20.29
C ARG C 19 6.21 3.13 21.14
N TYR C 20 5.45 4.23 21.05
CA TYR C 20 5.94 5.49 21.60
C TYR C 20 5.75 5.57 23.10
N ASP C 21 4.76 4.85 23.65
CA ASP C 21 4.65 4.78 25.11
C ASP C 21 5.89 4.12 25.71
N ASP C 22 6.35 3.03 25.11
CA ASP C 22 7.61 2.42 25.53
C ASP C 22 8.76 3.40 25.37
N MET C 23 8.82 4.07 24.21
CA MET C 23 9.89 5.03 23.95
C MET C 23 9.91 6.13 24.99
N ALA C 24 8.73 6.64 25.37
CA ALA C 24 8.68 7.70 26.37
C ALA C 24 9.10 7.19 27.74
N ALA C 25 8.67 5.98 28.12
CA ALA C 25 9.05 5.42 29.40
C ALA C 25 10.57 5.26 29.51
N ALA C 26 11.22 4.84 28.43
CA ALA C 26 12.66 4.67 28.47
C ALA C 26 13.39 6.01 28.62
N MET C 27 12.92 7.04 27.91
CA MET C 27 13.56 8.34 28.00
C MET C 27 13.21 9.07 29.28
N LYS C 28 12.03 8.79 29.85
CA LYS C 28 11.71 9.28 31.19
C LYS C 28 12.67 8.69 32.22
N ASN C 29 12.97 7.39 32.09
CA ASN C 29 13.92 6.76 32.99
C ASN C 29 15.31 7.36 32.82
N VAL C 30 15.73 7.61 31.58
CA VAL C 30 17.03 8.24 31.32
C VAL C 30 17.09 9.62 31.98
N THR C 31 16.04 10.41 31.79
CA THR C 31 16.00 11.76 32.38
C THR C 31 16.11 11.69 33.90
N GLU C 32 15.45 10.71 34.52
CA GLU C 32 15.43 10.62 35.97
C GLU C 32 16.79 10.21 36.55
N LEU C 33 17.75 9.84 35.71
CA LEU C 33 19.12 9.62 36.18
C LEU C 33 19.80 10.93 36.60
N ASN C 34 19.14 12.07 36.41
CA ASN C 34 19.60 13.38 36.88
C ASN C 34 20.91 13.82 36.22
N GLU C 35 21.22 13.28 35.05
CA GLU C 35 22.35 13.76 34.27
C GLU C 35 21.85 14.53 33.05
N PRO C 36 22.65 15.46 32.51
CA PRO C 36 22.22 16.19 31.32
C PRO C 36 22.02 15.25 30.14
N LEU C 37 21.08 15.62 29.28
CA LEU C 37 20.78 14.84 28.08
C LEU C 37 21.67 15.29 26.93
N SER C 38 22.16 14.31 26.17
CA SER C 38 22.83 14.62 24.92
C SER C 38 21.83 15.16 23.91
N ASN C 39 22.35 15.74 22.84
CA ASN C 39 21.47 16.27 21.80
C ASN C 39 20.61 15.17 21.20
N GLU C 40 21.17 13.97 21.03
CA GLU C 40 20.37 12.86 20.52
C GLU C 40 19.35 12.39 21.56
N GLU C 41 19.76 12.30 22.83
CA GLU C 41 18.83 11.90 23.88
C GLU C 41 17.71 12.90 24.04
N ARG C 42 18.01 14.20 23.90
CA ARG C 42 16.98 15.22 23.98
C ARG C 42 15.96 15.06 22.85
N ASN C 43 16.46 14.77 21.64
CA ASN C 43 15.54 14.56 20.52
C ASN C 43 14.68 13.32 20.74
N LEU C 44 15.29 12.23 21.21
CA LEU C 44 14.52 11.02 21.48
C LEU C 44 13.43 11.29 22.51
N LEU C 45 13.75 12.01 23.58
CA LEU C 45 12.75 12.33 24.59
C LEU C 45 11.63 13.18 23.99
N SER C 46 11.99 14.17 23.17
CA SER C 46 10.98 15.05 22.58
C SER C 46 10.11 14.30 21.58
N VAL C 47 10.73 13.49 20.72
CA VAL C 47 9.95 12.72 19.74
C VAL C 47 8.99 11.77 20.44
N ALA C 48 9.45 11.10 21.50
CA ALA C 48 8.60 10.13 22.20
C ALA C 48 7.34 10.79 22.76
N TYR C 49 7.51 11.86 23.53
CA TYR C 49 6.33 12.47 24.15
C TYR C 49 5.49 13.24 23.14
N LYS C 50 6.13 13.80 22.09
CA LYS C 50 5.33 14.44 21.04
C LYS C 50 4.37 13.45 20.41
N ASN C 51 4.83 12.21 20.18
CA ASN C 51 3.96 11.20 19.59
C ASN C 51 2.93 10.70 20.60
N VAL C 52 3.31 10.57 21.87
CA VAL C 52 2.37 10.09 22.87
C VAL C 52 1.27 11.11 23.10
N VAL C 53 1.63 12.37 23.35
CA VAL C 53 0.62 13.39 23.53
C VAL C 53 -0.11 13.65 22.21
N GLY C 54 0.58 13.50 21.08
CA GLY C 54 -0.05 13.76 19.80
C GLY C 54 -1.16 12.78 19.49
N ALA C 55 -1.01 11.53 19.91
CA ALA C 55 -2.08 10.55 19.72
C ALA C 55 -3.30 10.91 20.56
N ARG C 56 -3.08 11.40 21.77
CA ARG C 56 -4.21 11.81 22.62
C ARG C 56 -4.84 13.09 22.11
N ARG C 57 -4.01 14.04 21.64
CA ARG C 57 -4.55 15.27 21.06
C ARG C 57 -5.41 14.97 19.84
N SER C 58 -4.92 14.10 18.95
CA SER C 58 -5.67 13.76 17.75
C SER C 58 -6.99 13.08 18.11
N SER C 59 -6.95 12.11 19.02
CA SER C 59 -8.18 11.44 19.44
C SER C 59 -9.15 12.43 20.08
N TRP C 60 -8.63 13.34 20.90
CA TRP C 60 -9.50 14.31 21.58
C TRP C 60 -10.22 15.20 20.58
N ARG C 61 -9.52 15.62 19.52
CA ARG C 61 -10.14 16.49 18.52
C ARG C 61 -11.25 15.77 17.78
N VAL C 62 -11.06 14.48 17.50
CA VAL C 62 -12.11 13.69 16.84
C VAL C 62 -13.33 13.59 17.74
N ILE C 63 -13.13 13.22 19.01
CA ILE C 63 -14.25 13.02 19.91
C ILE C 63 -14.94 14.35 20.19
N SER C 64 -14.17 15.41 20.42
CA SER C 64 -14.75 16.72 20.68
C SER C 64 -15.58 17.20 19.50
N SER C 65 -15.12 16.93 18.28
CA SER C 65 -15.89 17.32 17.10
C SER C 65 -17.17 16.50 16.98
N ILE C 66 -17.06 15.18 17.16
CA ILE C 66 -18.23 14.32 17.11
C ILE C 66 -19.23 14.71 18.19
N GLU C 67 -18.74 15.14 19.35
CA GLU C 67 -19.61 15.60 20.42
C GLU C 67 -20.40 16.84 20.00
N GLN C 68 -19.78 17.71 19.20
CA GLN C 68 -20.46 18.94 18.78
C GLN C 68 -21.54 18.68 17.74
N LYS C 69 -21.49 17.55 17.05
CA LYS C 69 -22.54 17.15 16.12
C LYS C 69 -23.53 16.18 16.75
N THR C 70 -23.64 16.17 18.07
CA THR C 70 -24.55 15.27 18.76
C THR C 70 -25.41 16.03 19.78
N GLY C 74 -31.18 13.86 20.35
CA GLY C 74 -31.20 14.10 21.78
C GLY C 74 -31.40 12.83 22.60
N ASN C 75 -30.65 11.78 22.26
CA ASN C 75 -30.76 10.51 22.97
C ASN C 75 -30.36 10.66 24.43
N GLU C 76 -29.34 11.50 24.70
CA GLU C 76 -28.91 11.90 26.03
C GLU C 76 -28.19 10.77 26.77
N LYS C 77 -28.26 9.56 26.21
CA LYS C 77 -27.37 8.49 26.62
C LYS C 77 -26.20 8.35 25.67
N LYS C 78 -26.43 8.61 24.38
CA LYS C 78 -25.36 8.67 23.41
C LYS C 78 -24.40 9.81 23.75
N ILE C 79 -24.93 11.02 23.96
CA ILE C 79 -24.08 12.16 24.24
C ILE C 79 -23.43 12.04 25.60
N GLU C 80 -24.08 11.36 26.56
CA GLU C 80 -23.44 11.09 27.84
C GLU C 80 -22.22 10.20 27.65
N MET C 81 -22.34 9.16 26.82
CA MET C 81 -21.21 8.28 26.55
C MET C 81 -20.08 9.04 25.85
N VAL C 82 -20.43 9.90 24.90
CA VAL C 82 -19.40 10.64 24.16
C VAL C 82 -18.66 11.58 25.09
N ARG C 83 -19.39 12.33 25.91
CA ARG C 83 -18.74 13.25 26.85
C ARG C 83 -17.83 12.50 27.80
N ALA C 84 -18.26 11.33 28.29
CA ALA C 84 -17.42 10.57 29.21
C ALA C 84 -16.19 10.03 28.50
N TYR C 85 -16.33 9.62 27.23
CA TYR C 85 -15.16 9.18 26.48
C TYR C 85 -14.20 10.33 26.25
N ARG C 86 -14.73 11.52 25.91
CA ARG C 86 -13.86 12.69 25.78
C ARG C 86 -13.11 12.95 27.08
N GLU C 87 -13.82 12.89 28.22
CA GLU C 87 -13.17 13.12 29.50
C GLU C 87 -12.10 12.07 29.79
N LYS C 88 -12.35 10.82 29.41
CA LYS C 88 -11.35 9.78 29.59
C LYS C 88 -10.08 10.10 28.83
N ILE C 89 -10.21 10.50 27.57
CA ILE C 89 -9.03 10.85 26.77
C ILE C 89 -8.39 12.13 27.32
N GLU C 90 -9.22 13.05 27.80
CA GLU C 90 -8.72 14.29 28.39
C GLU C 90 -7.82 14.00 29.60
N LYS C 91 -8.26 13.09 30.47
CA LYS C 91 -7.45 12.76 31.64
C LYS C 91 -6.14 12.11 31.24
N GLU C 92 -6.16 11.28 30.20
CA GLU C 92 -4.94 10.67 29.69
C GLU C 92 -3.99 11.74 29.16
N LEU C 93 -4.52 12.68 28.37
CA LEU C 93 -3.71 13.76 27.84
C LEU C 93 -3.12 14.61 28.96
N GLU C 94 -3.94 14.95 29.96
CA GLU C 94 -3.46 15.76 31.06
C GLU C 94 -2.40 15.03 31.89
N ALA C 95 -2.50 13.71 31.99
CA ALA C 95 -1.50 12.95 32.73
C ALA C 95 -0.17 12.90 31.99
N VAL C 96 -0.21 12.83 30.65
CA VAL C 96 1.03 12.86 29.87
C VAL C 96 1.71 14.21 30.04
N CYS C 97 0.95 15.29 29.90
CA CYS C 97 1.51 16.63 30.08
C CYS C 97 2.09 16.80 31.48
N GLN C 98 1.41 16.27 32.49
CA GLN C 98 1.89 16.37 33.87
C GLN C 98 3.25 15.68 34.03
N ASP C 99 3.42 14.53 33.38
CA ASP C 99 4.69 13.81 33.44
C ASP C 99 5.80 14.60 32.76
N VAL C 100 5.53 15.13 31.56
CA VAL C 100 6.54 15.90 30.83
C VAL C 100 6.92 17.15 31.60
N LEU C 101 5.93 17.87 32.12
CA LEU C 101 6.20 19.09 32.86
C LEU C 101 6.97 18.82 34.15
N SER C 102 6.70 17.68 34.81
CA SER C 102 7.48 17.32 35.99
C SER C 102 8.92 17.01 35.60
N LEU C 103 9.13 16.31 34.49
CA LEU C 103 10.49 16.08 34.02
C LEU C 103 11.21 17.39 33.73
N LEU C 104 10.51 18.35 33.13
CA LEU C 104 11.14 19.62 32.79
C LEU C 104 11.49 20.41 34.05
N ASP C 105 10.54 20.54 34.98
CA ASP C 105 10.79 21.35 36.17
C ASP C 105 11.76 20.68 37.13
N ASN C 106 11.70 19.35 37.23
CA ASN C 106 12.51 18.66 38.23
C ASN C 106 13.90 18.27 37.73
N TYR C 107 14.06 18.01 36.43
CA TYR C 107 15.36 17.59 35.91
C TYR C 107 15.91 18.48 34.80
N LEU C 108 15.14 18.73 33.74
CA LEU C 108 15.72 19.21 32.49
C LEU C 108 16.04 20.70 32.54
N ILE C 109 15.05 21.53 32.85
CA ILE C 109 15.31 22.95 33.03
C ILE C 109 16.26 23.16 34.20
N LYS C 110 16.10 22.34 35.24
CA LYS C 110 16.87 22.52 36.47
C LYS C 110 18.36 22.31 36.22
N ASN C 111 18.73 21.28 35.46
CA ASN C 111 20.13 20.97 35.25
C ASN C 111 20.80 21.85 34.21
N CYS C 112 20.11 22.88 33.71
CA CYS C 112 20.69 23.79 32.75
C CYS C 112 21.55 24.83 33.47
N SER C 113 22.81 24.93 33.08
CA SER C 113 23.66 25.98 33.63
C SER C 113 23.22 27.34 33.12
N GLU C 114 23.77 28.39 33.74
CA GLU C 114 23.34 29.75 33.43
C GLU C 114 23.64 30.11 31.97
N THR C 115 24.63 29.46 31.36
CA THR C 115 25.03 29.76 29.99
C THR C 115 24.63 28.67 29.01
N GLN C 116 23.71 27.79 29.39
CA GLN C 116 23.21 26.76 28.47
C GLN C 116 21.95 27.25 27.75
N TYR C 117 22.13 28.32 26.96
CA TYR C 117 20.99 29.04 26.39
C TYR C 117 20.18 28.14 25.46
N GLU C 118 20.85 27.36 24.62
CA GLU C 118 20.15 26.50 23.66
C GLU C 118 19.27 25.48 24.37
N SER C 119 19.84 24.78 25.36
CA SER C 119 19.06 23.80 26.10
C SER C 119 17.95 24.49 26.91
N LYS C 120 18.26 25.64 27.50
CA LYS C 120 17.24 26.37 28.26
C LYS C 120 16.08 26.79 27.38
N VAL C 121 16.37 27.30 26.18
CA VAL C 121 15.28 27.71 25.30
C VAL C 121 14.50 26.49 24.83
N PHE C 122 15.20 25.41 24.48
CA PHE C 122 14.53 24.18 24.05
C PHE C 122 13.55 23.69 25.13
N TYR C 123 14.01 23.62 26.37
CA TYR C 123 13.17 23.06 27.44
C TYR C 123 12.07 24.04 27.85
N LEU C 124 12.35 25.34 27.85
CA LEU C 124 11.31 26.30 28.14
C LEU C 124 10.25 26.32 27.05
N LYS C 125 10.66 26.20 25.79
CA LYS C 125 9.69 26.06 24.71
C LYS C 125 8.84 24.81 24.90
N MET C 126 9.49 23.71 25.28
CA MET C 126 8.77 22.48 25.58
C MET C 126 7.76 22.71 26.70
N LYS C 127 8.18 23.38 27.76
CA LYS C 127 7.28 23.70 28.86
C LYS C 127 6.09 24.52 28.37
N GLY C 128 6.34 25.52 27.52
CA GLY C 128 5.24 26.28 26.94
C GLY C 128 4.34 25.40 26.09
N ASP C 129 4.92 24.48 25.32
CA ASP C 129 4.14 23.59 24.47
C ASP C 129 3.17 22.75 25.29
N TYR C 130 3.66 22.13 26.36
CA TYR C 130 2.83 21.18 27.07
C TYR C 130 1.80 21.86 27.96
N TYR C 131 2.07 23.08 28.43
CA TYR C 131 1.00 23.86 29.03
C TYR C 131 -0.01 24.31 27.98
N ARG C 132 0.45 24.58 26.75
CA ARG C 132 -0.47 24.89 25.67
C ARG C 132 -1.38 23.71 25.37
N TYR C 133 -0.85 22.48 25.40
CA TYR C 133 -1.69 21.31 25.17
C TYR C 133 -2.71 21.15 26.29
N LEU C 134 -2.32 21.49 27.53
CA LEU C 134 -3.30 21.50 28.62
C LEU C 134 -4.37 22.55 28.36
N ALA C 135 -3.97 23.73 27.87
CA ALA C 135 -4.92 24.81 27.64
C ALA C 135 -5.88 24.47 26.49
N GLU C 136 -5.45 23.62 25.55
CA GLU C 136 -6.33 23.23 24.45
C GLU C 136 -7.58 22.51 24.95
N VAL C 137 -7.46 21.74 26.04
CA VAL C 137 -8.58 20.96 26.55
C VAL C 137 -9.17 21.53 27.84
N ALA C 138 -8.55 22.56 28.43
CA ALA C 138 -9.07 23.16 29.65
C ALA C 138 -10.25 24.07 29.34
N THR C 139 -11.25 24.05 30.22
CA THR C 139 -12.41 24.91 30.09
C THR C 139 -12.70 25.58 31.42
N GLY C 140 -13.49 26.66 31.37
CA GLY C 140 -13.93 27.30 32.59
C GLY C 140 -12.80 27.91 33.38
N GLU C 141 -12.92 27.84 34.71
CA GLU C 141 -12.02 28.58 35.58
C GLU C 141 -10.59 28.06 35.51
N LYS C 142 -10.42 26.75 35.38
CA LYS C 142 -9.08 26.17 35.44
C LYS C 142 -8.25 26.45 34.19
N ARG C 143 -8.84 27.01 33.14
CA ARG C 143 -8.09 27.28 31.92
C ARG C 143 -7.07 28.39 32.12
N ALA C 144 -7.41 29.40 32.92
CA ALA C 144 -6.56 30.61 32.99
C ALA C 144 -5.14 30.27 33.46
N THR C 145 -5.01 29.39 34.44
CA THR C 145 -3.68 29.14 35.01
C THR C 145 -2.76 28.45 34.00
N VAL C 146 -3.28 27.50 33.21
CA VAL C 146 -2.38 26.83 32.27
C VAL C 146 -2.06 27.76 31.09
N VAL C 147 -3.00 28.63 30.70
CA VAL C 147 -2.68 29.64 29.70
C VAL C 147 -1.54 30.54 30.20
N GLU C 148 -1.62 30.95 31.47
CA GLU C 148 -0.61 31.84 32.04
C GLU C 148 0.74 31.14 32.16
N SER C 149 0.74 29.85 32.53
CA SER C 149 1.99 29.12 32.63
C SER C 149 2.63 28.94 31.26
N SER C 150 1.80 28.74 30.23
CA SER C 150 2.33 28.60 28.88
C SER C 150 2.99 29.90 28.41
N GLU C 151 2.30 31.03 28.62
CA GLU C 151 2.86 32.32 28.22
C GLU C 151 4.15 32.62 28.97
N LYS C 152 4.20 32.30 30.27
CA LYS C 152 5.40 32.57 31.07
C LYS C 152 6.60 31.81 30.52
N ALA C 153 6.42 30.54 30.18
CA ALA C 153 7.52 29.74 29.65
C ALA C 153 7.96 30.24 28.28
N TYR C 154 7.00 30.49 27.39
CA TYR C 154 7.31 31.00 26.06
C TYR C 154 8.02 32.34 26.14
N SER C 155 7.53 33.23 27.01
CA SER C 155 8.12 34.57 27.12
C SER C 155 9.58 34.49 27.56
N GLU C 156 9.87 33.67 28.58
CA GLU C 156 11.25 33.56 29.05
C GLU C 156 12.15 32.96 27.97
N ALA C 157 11.67 31.93 27.27
CA ALA C 157 12.45 31.37 26.17
C ALA C 157 12.69 32.41 25.08
N HIS C 158 11.68 33.25 24.80
CA HIS C 158 11.82 34.29 23.79
C HIS C 158 12.91 35.28 24.16
N GLU C 159 12.91 35.74 25.42
CA GLU C 159 13.92 36.72 25.83
C GLU C 159 15.33 36.13 25.77
N ILE C 160 15.48 34.86 26.14
CA ILE C 160 16.80 34.23 26.11
C ILE C 160 17.28 34.06 24.68
N SER C 161 16.44 33.49 23.82
CA SER C 161 16.86 33.25 22.44
C SER C 161 17.08 34.56 21.68
N LYS C 162 16.28 35.59 21.98
CA LYS C 162 16.45 36.88 21.33
C LYS C 162 17.84 37.46 21.63
N GLU C 163 18.32 37.29 22.85
CA GLU C 163 19.60 37.88 23.23
C GLU C 163 20.78 37.01 22.79
N HIS C 164 20.66 35.69 22.85
CA HIS C 164 21.83 34.82 22.78
C HIS C 164 21.90 33.93 21.56
N MET C 165 20.84 33.81 20.76
CA MET C 165 20.84 32.86 19.66
C MET C 165 20.60 33.57 18.33
N GLN C 166 21.14 32.98 17.27
CA GLN C 166 21.02 33.56 15.94
C GLN C 166 19.58 33.42 15.43
N PRO C 167 19.10 34.41 14.65
CA PRO C 167 17.73 34.33 14.13
C PRO C 167 17.45 33.11 13.27
N THR C 168 18.47 32.52 12.65
CA THR C 168 18.27 31.33 11.82
C THR C 168 18.39 30.04 12.61
N HIS C 169 18.67 30.10 13.90
CA HIS C 169 18.79 28.87 14.69
C HIS C 169 17.45 28.15 14.74
N PRO C 170 17.41 26.84 14.46
CA PRO C 170 16.10 26.14 14.42
C PRO C 170 15.34 26.18 15.73
N ILE C 171 16.04 26.23 16.87
CA ILE C 171 15.34 26.29 18.15
C ILE C 171 14.70 27.65 18.36
N ARG C 172 15.40 28.72 17.99
CA ARG C 172 14.80 30.05 18.07
C ARG C 172 13.64 30.20 17.10
N LEU C 173 13.79 29.67 15.88
CA LEU C 173 12.72 29.75 14.90
C LEU C 173 11.49 28.96 15.36
N GLY C 174 11.72 27.74 15.87
CA GLY C 174 10.61 26.93 16.32
C GLY C 174 9.91 27.49 17.54
N LEU C 175 10.66 28.14 18.42
CA LEU C 175 10.03 28.84 19.54
C LEU C 175 9.08 29.91 19.04
N ALA C 176 9.55 30.74 18.10
CA ALA C 176 8.68 31.79 17.56
C ALA C 176 7.46 31.19 16.87
N LEU C 177 7.62 30.06 16.19
CA LEU C 177 6.49 29.41 15.55
C LEU C 177 5.45 28.98 16.58
N ASN C 178 5.87 28.25 17.61
CA ASN C 178 4.91 27.76 18.59
C ASN C 178 4.37 28.88 19.47
N TYR C 179 5.20 29.88 19.78
CA TYR C 179 4.74 31.03 20.54
C TYR C 179 3.69 31.82 19.76
N SER C 180 3.88 31.96 18.45
CA SER C 180 2.87 32.65 17.64
C SER C 180 1.59 31.83 17.54
N VAL C 181 1.70 30.50 17.48
CA VAL C 181 0.51 29.66 17.50
C VAL C 181 -0.23 29.82 18.83
N PHE C 182 0.51 29.90 19.94
CA PHE C 182 -0.11 30.18 21.22
C PHE C 182 -0.95 31.47 21.16
N TYR C 183 -0.38 32.54 20.60
CA TYR C 183 -1.12 33.80 20.52
C TYR C 183 -2.39 33.65 19.67
N TYR C 184 -2.27 32.97 18.53
CA TYR C 184 -3.41 32.90 17.61
C TYR C 184 -4.52 32.01 18.14
N GLU C 185 -4.16 30.80 18.58
CA GLU C 185 -5.15 29.76 18.90
C GLU C 185 -5.59 29.80 20.36
N ILE C 186 -4.67 30.03 21.29
CA ILE C 186 -5.04 30.04 22.70
C ILE C 186 -5.53 31.41 23.13
N GLN C 187 -4.83 32.48 22.73
CA GLN C 187 -5.20 33.82 23.16
C GLN C 187 -6.12 34.54 22.20
N ASN C 188 -6.44 33.94 21.05
CA ASN C 188 -7.26 34.59 20.01
C ASN C 188 -6.76 36.00 19.71
N ALA C 189 -5.43 36.13 19.58
CA ALA C 189 -4.78 37.42 19.41
C ALA C 189 -4.01 37.44 18.10
N PRO C 190 -4.70 37.63 16.97
CA PRO C 190 -4.01 37.53 15.68
C PRO C 190 -2.97 38.61 15.45
N GLU C 191 -3.19 39.83 15.95
CA GLU C 191 -2.18 40.87 15.74
C GLU C 191 -0.85 40.48 16.36
N GLN C 192 -0.89 40.04 17.61
CA GLN C 192 0.34 39.62 18.28
C GLN C 192 0.93 38.36 17.63
N ALA C 193 0.08 37.44 17.18
CA ALA C 193 0.57 36.23 16.54
C ALA C 193 1.29 36.55 15.23
N CYS C 194 0.67 37.40 14.41
CA CYS C 194 1.28 37.77 13.12
C CYS C 194 2.57 38.54 13.32
N HIS C 195 2.60 39.45 14.30
CA HIS C 195 3.81 40.23 14.55
C HIS C 195 4.97 39.34 14.97
N LEU C 196 4.72 38.39 15.86
CA LEU C 196 5.78 37.51 16.31
C LEU C 196 6.29 36.62 15.17
N ALA C 197 5.36 36.01 14.43
CA ALA C 197 5.76 35.15 13.32
C ALA C 197 6.51 35.93 12.25
N LYS C 198 5.99 37.10 11.87
CA LYS C 198 6.62 37.84 10.78
C LYS C 198 7.97 38.40 11.16
N THR C 199 8.11 38.86 12.42
CA THR C 199 9.40 39.35 12.89
C THR C 199 10.46 38.25 12.86
N ALA C 200 10.11 37.07 13.39
CA ALA C 200 11.08 35.97 13.37
C ALA C 200 11.40 35.53 11.96
N PHE C 201 10.39 35.47 11.09
CA PHE C 201 10.62 35.10 9.70
C PHE C 201 11.58 36.06 9.02
N ASP C 202 11.29 37.37 9.12
CA ASP C 202 12.12 38.35 8.43
C ASP C 202 13.52 38.43 9.03
N ASP C 203 13.64 38.26 10.35
CA ASP C 203 14.96 38.28 10.98
C ASP C 203 15.82 37.14 10.46
N ALA C 204 15.21 35.98 10.21
CA ALA C 204 15.95 34.85 9.66
C ALA C 204 16.24 35.04 8.18
N ILE C 205 15.29 35.58 7.42
CA ILE C 205 15.51 35.83 6.00
C ILE C 205 16.69 36.78 5.80
N ALA C 206 16.78 37.81 6.64
CA ALA C 206 17.86 38.79 6.49
C ALA C 206 19.23 38.17 6.63
N GLU C 207 19.33 37.08 7.41
CA GLU C 207 20.60 36.40 7.63
C GLU C 207 20.60 35.00 7.01
N LEU C 208 19.84 34.83 5.92
CA LEU C 208 19.73 33.52 5.27
C LEU C 208 21.08 32.99 4.82
N ASP C 209 22.03 33.88 4.56
CA ASP C 209 23.34 33.45 4.08
C ASP C 209 24.13 32.70 5.14
N THR C 210 23.77 32.82 6.41
CA THR C 210 24.47 32.13 7.48
C THR C 210 24.07 30.66 7.63
N LEU C 211 23.14 30.18 6.81
CA LEU C 211 22.71 28.79 6.90
C LEU C 211 23.75 27.86 6.28
N ASP C 214 23.68 20.99 4.78
CA ASP C 214 24.27 21.74 5.88
C ASP C 214 23.28 21.88 7.03
N SER C 215 23.02 23.12 7.43
CA SER C 215 22.04 23.43 8.47
C SER C 215 20.75 24.00 7.90
N TYR C 216 20.69 24.22 6.59
CA TYR C 216 19.56 24.94 6.00
C TYR C 216 18.25 24.18 6.15
N LYS C 217 18.29 22.84 6.17
CA LYS C 217 17.07 22.05 6.11
C LYS C 217 16.18 22.31 7.32
N ASP C 218 16.72 22.14 8.53
CA ASP C 218 15.91 22.31 9.73
C ASP C 218 15.37 23.74 9.84
N SER C 219 16.18 24.73 9.48
CA SER C 219 15.75 26.13 9.61
C SER C 219 14.70 26.47 8.55
N THR C 220 14.94 26.07 7.29
CA THR C 220 14.04 26.46 6.22
C THR C 220 12.68 25.80 6.34
N LEU C 221 12.61 24.60 6.91
CA LEU C 221 11.31 23.97 7.08
C LEU C 221 10.46 24.73 8.10
N ILE C 222 11.08 25.23 9.17
CA ILE C 222 10.35 26.05 10.13
C ILE C 222 9.98 27.39 9.51
N MET C 223 10.87 27.96 8.70
CA MET C 223 10.55 29.21 8.02
C MET C 223 9.36 29.03 7.08
N GLN C 224 9.29 27.88 6.39
CA GLN C 224 8.13 27.61 5.56
C GLN C 224 6.85 27.55 6.39
N LEU C 225 6.91 26.92 7.56
CA LEU C 225 5.74 26.84 8.43
C LEU C 225 5.33 28.21 8.94
N LEU C 226 6.30 29.06 9.28
CA LEU C 226 5.98 30.43 9.67
C LEU C 226 5.21 31.14 8.55
N ARG C 227 5.67 30.98 7.31
CA ARG C 227 4.98 31.60 6.17
C ARG C 227 3.59 31.01 5.99
N ASP C 228 3.45 29.68 6.13
CA ASP C 228 2.16 29.05 5.93
C ASP C 228 1.13 29.54 6.95
N ASN C 229 1.57 29.73 8.20
CA ASN C 229 0.66 30.26 9.22
C ASN C 229 0.27 31.70 8.89
N LEU C 230 1.24 32.52 8.53
CA LEU C 230 0.94 33.90 8.16
C LEU C 230 0.00 33.96 6.97
N THR C 231 0.18 33.05 6.01
CA THR C 231 -0.72 33.00 4.86
C THR C 231 -2.13 32.57 5.29
N LEU C 232 -2.23 31.65 6.25
CA LEU C 232 -3.53 31.25 6.75
C LEU C 232 -4.20 32.40 7.52
N TRP C 233 -3.44 33.05 8.41
CA TRP C 233 -4.02 34.04 9.30
C TRP C 233 -4.40 35.33 8.58
N THR C 234 -3.67 35.70 7.53
CA THR C 234 -3.94 36.95 6.84
C THR C 234 -4.77 36.73 5.57
N ASP D 3 -25.53 0.28 28.55
CA ASP D 3 -26.42 -0.31 27.57
C ASP D 3 -25.66 -0.82 26.36
N ARG D 4 -26.13 -1.94 25.80
CA ARG D 4 -25.46 -2.55 24.64
C ARG D 4 -25.33 -1.56 23.49
N GLU D 5 -26.37 -0.77 23.24
CA GLU D 5 -26.34 0.20 22.16
C GLU D 5 -25.21 1.20 22.34
N GLN D 6 -24.94 1.62 23.57
CA GLN D 6 -23.89 2.59 23.83
C GLN D 6 -22.49 1.96 23.77
N LEU D 7 -22.38 0.67 24.07
CA LEU D 7 -21.10 -0.03 23.90
C LEU D 7 -20.73 -0.12 22.43
N VAL D 8 -21.70 -0.41 21.57
CA VAL D 8 -21.45 -0.46 20.14
C VAL D 8 -21.14 0.94 19.62
N GLN D 9 -21.86 1.96 20.10
CA GLN D 9 -21.52 3.32 19.74
C GLN D 9 -20.12 3.68 20.21
N LYS D 10 -19.75 3.23 21.41
CA LYS D 10 -18.41 3.50 21.93
C LYS D 10 -17.35 2.84 21.05
N ALA D 11 -17.63 1.64 20.54
CA ALA D 11 -16.69 0.99 19.62
C ALA D 11 -16.54 1.79 18.34
N ARG D 12 -17.63 2.36 17.83
CA ARG D 12 -17.55 3.20 16.64
C ARG D 12 -16.79 4.49 16.93
N LEU D 13 -16.99 5.06 18.12
CA LEU D 13 -16.27 6.27 18.49
C LEU D 13 -14.78 6.00 18.65
N ALA D 14 -14.43 4.91 19.33
CA ALA D 14 -13.03 4.55 19.51
C ALA D 14 -12.35 4.32 18.17
N GLU D 15 -13.06 3.72 17.20
CA GLU D 15 -12.49 3.51 15.88
C GLU D 15 -12.16 4.84 15.20
N GLN D 16 -13.10 5.79 15.21
CA GLN D 16 -12.83 7.10 14.63
C GLN D 16 -11.68 7.80 15.32
N ALA D 17 -11.52 7.60 16.63
CA ALA D 17 -10.42 8.17 17.38
C ALA D 17 -9.14 7.35 17.25
N GLU D 18 -9.17 6.27 16.46
CA GLU D 18 -8.03 5.39 16.25
C GLU D 18 -7.49 4.84 17.57
N ARG D 19 -8.42 4.50 18.48
CA ARG D 19 -8.08 3.91 19.77
C ARG D 19 -8.61 2.48 19.75
N TYR D 20 -7.80 1.57 19.18
CA TYR D 20 -8.31 0.25 18.87
C TYR D 20 -8.32 -0.67 20.08
N ASP D 21 -7.48 -0.43 21.08
CA ASP D 21 -7.61 -1.20 22.32
C ASP D 21 -8.92 -0.89 23.01
N ASP D 22 -9.34 0.38 23.02
CA ASP D 22 -10.65 0.73 23.54
C ASP D 22 -11.76 0.09 22.71
N MET D 23 -11.60 0.11 21.39
CA MET D 23 -12.60 -0.49 20.51
C MET D 23 -12.78 -1.98 20.83
N ALA D 24 -11.67 -2.69 20.97
CA ALA D 24 -11.74 -4.12 21.28
C ALA D 24 -12.36 -4.36 22.65
N ALA D 25 -12.03 -3.52 23.63
CA ALA D 25 -12.62 -3.69 24.96
C ALA D 25 -14.13 -3.51 24.91
N ALA D 26 -14.62 -2.53 24.14
CA ALA D 26 -16.05 -2.33 24.03
C ALA D 26 -16.73 -3.54 23.39
N MET D 27 -16.16 -4.06 22.30
CA MET D 27 -16.78 -5.19 21.62
C MET D 27 -16.62 -6.48 22.40
N LYS D 28 -15.56 -6.59 23.22
CA LYS D 28 -15.45 -7.71 24.15
C LYS D 28 -16.58 -7.70 25.16
N ASN D 29 -16.90 -6.53 25.71
CA ASN D 29 -18.05 -6.43 26.63
C ASN D 29 -19.35 -6.79 25.92
N VAL D 30 -19.51 -6.34 24.66
CA VAL D 30 -20.70 -6.70 23.90
C VAL D 30 -20.80 -8.21 23.74
N THR D 31 -19.68 -8.85 23.41
CA THR D 31 -19.69 -10.29 23.23
C THR D 31 -20.04 -11.00 24.53
N GLU D 32 -19.52 -10.53 25.65
CA GLU D 32 -19.73 -11.16 26.94
C GLU D 32 -21.15 -11.00 27.46
N LEU D 33 -21.99 -10.23 26.78
CA LEU D 33 -23.42 -10.22 27.11
C LEU D 33 -24.10 -11.52 26.72
N ASN D 34 -23.38 -12.43 26.05
CA ASN D 34 -23.84 -13.79 25.76
C ASN D 34 -25.03 -13.81 24.80
N GLU D 35 -25.19 -12.78 23.99
CA GLU D 35 -26.15 -12.79 22.91
C GLU D 35 -25.43 -12.78 21.57
N PRO D 36 -26.03 -13.34 20.51
CA PRO D 36 -25.34 -13.37 19.21
C PRO D 36 -25.05 -11.96 18.71
N LEU D 37 -24.03 -11.86 17.86
CA LEU D 37 -23.67 -10.59 17.27
C LEU D 37 -24.32 -10.44 15.90
N SER D 38 -24.84 -9.25 15.64
CA SER D 38 -25.25 -8.90 14.29
C SER D 38 -24.01 -8.84 13.39
N ASN D 39 -24.25 -8.80 12.08
CA ASN D 39 -23.13 -8.66 11.15
C ASN D 39 -22.37 -7.37 11.39
N GLU D 40 -23.09 -6.29 11.70
CA GLU D 40 -22.45 -5.02 12.04
C GLU D 40 -21.55 -5.17 13.26
N GLU D 41 -22.06 -5.78 14.33
CA GLU D 41 -21.28 -5.96 15.54
C GLU D 41 -20.12 -6.91 15.32
N ARG D 42 -20.37 -8.00 14.57
CA ARG D 42 -19.31 -8.97 14.26
C ARG D 42 -18.15 -8.29 13.52
N ASN D 43 -18.45 -7.39 12.59
CA ASN D 43 -17.40 -6.70 11.86
C ASN D 43 -16.63 -5.74 12.76
N LEU D 44 -17.33 -5.05 13.67
CA LEU D 44 -16.63 -4.16 14.60
C LEU D 44 -15.68 -4.93 15.50
N LEU D 45 -16.11 -6.09 16.00
CA LEU D 45 -15.24 -6.90 16.84
C LEU D 45 -14.01 -7.34 16.07
N SER D 46 -14.19 -7.75 14.82
CA SER D 46 -13.08 -8.24 14.01
C SER D 46 -12.12 -7.12 13.63
N VAL D 47 -12.66 -5.96 13.25
CA VAL D 47 -11.82 -4.82 12.92
C VAL D 47 -11.03 -4.37 14.14
N ALA D 48 -11.68 -4.33 15.31
CA ALA D 48 -11.00 -3.94 16.53
C ALA D 48 -9.79 -4.83 16.79
N TYR D 49 -10.02 -6.15 16.88
CA TYR D 49 -8.93 -7.03 17.26
C TYR D 49 -7.90 -7.19 16.15
N LYS D 50 -8.31 -7.10 14.88
CA LYS D 50 -7.35 -7.14 13.79
C LYS D 50 -6.35 -5.99 13.91
N ASN D 51 -6.84 -4.81 14.28
CA ASN D 51 -5.96 -3.65 14.42
C ASN D 51 -5.10 -3.75 15.66
N VAL D 52 -5.65 -4.29 16.75
CA VAL D 52 -4.86 -4.45 17.98
C VAL D 52 -3.74 -5.44 17.75
N VAL D 53 -4.07 -6.64 17.28
CA VAL D 53 -3.02 -7.63 17.06
C VAL D 53 -2.12 -7.20 15.90
N GLY D 54 -2.67 -6.48 14.92
CA GLY D 54 -1.87 -6.03 13.80
C GLY D 54 -0.76 -5.08 14.19
N ALA D 55 -1.04 -4.19 15.14
CA ALA D 55 0.00 -3.30 15.64
C ALA D 55 1.11 -4.09 16.32
N ARG D 56 0.74 -5.10 17.11
CA ARG D 56 1.75 -5.92 17.76
C ARG D 56 2.54 -6.74 16.74
N ARG D 57 1.85 -7.29 15.74
CA ARG D 57 2.53 -8.04 14.69
C ARG D 57 3.51 -7.16 13.91
N SER D 58 3.10 -5.94 13.58
CA SER D 58 3.98 -5.05 12.85
C SER D 58 5.22 -4.69 13.67
N SER D 59 5.02 -4.42 14.96
CA SER D 59 6.16 -4.12 15.82
C SER D 59 7.07 -5.34 15.96
N TRP D 60 6.48 -6.53 16.10
CA TRP D 60 7.29 -7.74 16.24
C TRP D 60 8.17 -7.96 15.02
N ARG D 61 7.62 -7.74 13.82
CA ARG D 61 8.40 -7.95 12.61
C ARG D 61 9.56 -6.97 12.52
N VAL D 62 9.36 -5.73 12.96
CA VAL D 62 10.46 -4.76 12.99
C VAL D 62 11.56 -5.23 13.94
N ILE D 63 11.17 -5.65 15.14
CA ILE D 63 12.15 -6.07 16.15
C ILE D 63 12.82 -7.37 15.73
N SER D 64 12.05 -8.32 15.21
CA SER D 64 12.60 -9.62 14.83
C SER D 64 13.59 -9.48 13.68
N SER D 65 13.29 -8.62 12.71
CA SER D 65 14.22 -8.42 11.60
C SER D 65 15.53 -7.82 12.10
N ILE D 66 15.46 -6.90 13.06
CA ILE D 66 16.67 -6.40 13.69
C ILE D 66 17.42 -7.53 14.39
N GLU D 67 16.68 -8.41 15.08
CA GLU D 67 17.30 -9.55 15.75
C GLU D 67 18.07 -10.43 14.77
N GLN D 68 17.43 -10.82 13.67
CA GLN D 68 18.07 -11.69 12.69
C GLN D 68 19.22 -11.00 11.97
N LYS D 69 19.18 -9.68 11.86
CA LYS D 69 20.26 -8.92 11.23
C LYS D 69 21.22 -8.33 12.26
N THR D 70 21.24 -8.90 13.47
CA THR D 70 22.24 -8.57 14.47
C THR D 70 22.87 -9.79 15.12
N SER D 71 22.25 -10.96 15.03
CA SER D 71 22.79 -12.19 15.60
C SER D 71 24.14 -12.54 14.98
N ASN D 75 27.44 -9.10 19.20
CA ASN D 75 27.32 -8.30 20.41
C ASN D 75 26.33 -8.94 21.38
N GLU D 76 26.86 -9.58 22.42
CA GLU D 76 26.00 -10.30 23.35
C GLU D 76 25.05 -9.36 24.08
N LYS D 77 25.53 -8.19 24.47
CA LYS D 77 24.68 -7.25 25.21
C LYS D 77 23.52 -6.76 24.35
N LYS D 78 23.82 -6.32 23.12
CA LYS D 78 22.77 -5.78 22.25
C LYS D 78 21.78 -6.87 21.85
N ILE D 79 22.25 -8.10 21.67
CA ILE D 79 21.35 -9.20 21.35
C ILE D 79 20.36 -9.41 22.49
N GLU D 80 20.83 -9.36 23.72
CA GLU D 80 19.97 -9.63 24.87
C GLU D 80 18.85 -8.59 25.00
N MET D 81 19.20 -7.30 24.83
CA MET D 81 18.19 -6.25 24.97
C MET D 81 17.15 -6.32 23.86
N VAL D 82 17.59 -6.60 22.63
CA VAL D 82 16.64 -6.75 21.53
C VAL D 82 15.76 -7.97 21.77
N ARG D 83 16.35 -9.10 22.18
CA ARG D 83 15.57 -10.29 22.48
C ARG D 83 14.56 -10.03 23.58
N ALA D 84 14.96 -9.31 24.62
CA ALA D 84 14.04 -9.04 25.72
C ALA D 84 12.90 -8.14 25.27
N TYR D 85 13.19 -7.15 24.42
CA TYR D 85 12.11 -6.30 23.89
C TYR D 85 11.19 -7.10 22.97
N ARG D 86 11.76 -7.99 22.16
CA ARG D 86 10.94 -8.86 21.32
C ARG D 86 10.01 -9.72 22.16
N GLU D 87 10.55 -10.32 23.24
CA GLU D 87 9.73 -11.19 24.09
C GLU D 87 8.60 -10.41 24.75
N LYS D 88 8.86 -9.15 25.12
CA LYS D 88 7.80 -8.32 25.69
C LYS D 88 6.66 -8.12 24.71
N ILE D 89 6.99 -7.80 23.45
CA ILE D 89 5.97 -7.65 22.42
C ILE D 89 5.24 -8.97 22.21
N GLU D 90 5.97 -10.09 22.25
CA GLU D 90 5.36 -11.40 22.07
C GLU D 90 4.33 -11.67 23.15
N LYS D 91 4.67 -11.38 24.42
CA LYS D 91 3.70 -11.59 25.49
C LYS D 91 2.46 -10.75 25.29
N GLU D 92 2.62 -9.51 24.81
CA GLU D 92 1.46 -8.67 24.51
C GLU D 92 0.60 -9.31 23.43
N LEU D 93 1.23 -9.69 22.32
CA LEU D 93 0.51 -10.31 21.22
C LEU D 93 -0.17 -11.59 21.68
N GLU D 94 0.51 -12.41 22.48
CA GLU D 94 -0.07 -13.67 22.93
C GLU D 94 -1.27 -13.42 23.84
N ALA D 95 -1.24 -12.35 24.65
CA ALA D 95 -2.38 -12.04 25.51
C ALA D 95 -3.58 -11.58 24.68
N VAL D 96 -3.34 -10.82 23.62
CA VAL D 96 -4.42 -10.42 22.72
C VAL D 96 -5.05 -11.65 22.08
N CYS D 97 -4.22 -12.53 21.51
CA CYS D 97 -4.76 -13.74 20.88
C CYS D 97 -5.52 -14.59 21.89
N GLN D 98 -5.03 -14.66 23.13
CA GLN D 98 -5.72 -15.45 24.15
C GLN D 98 -7.11 -14.88 24.42
N ASP D 99 -7.24 -13.56 24.49
CA ASP D 99 -8.55 -12.94 24.71
C ASP D 99 -9.50 -13.25 23.56
N VAL D 100 -9.03 -13.13 22.32
CA VAL D 100 -9.87 -13.42 21.16
C VAL D 100 -10.33 -14.86 21.19
N LEU D 101 -9.40 -15.79 21.39
CA LEU D 101 -9.72 -17.21 21.30
C LEU D 101 -10.69 -17.62 22.40
N SER D 102 -10.56 -17.03 23.60
CA SER D 102 -11.54 -17.30 24.64
C SER D 102 -12.91 -16.76 24.26
N LEU D 103 -12.95 -15.59 23.62
CA LEU D 103 -14.24 -15.07 23.14
C LEU D 103 -14.86 -16.01 22.12
N LEU D 104 -14.05 -16.56 21.21
CA LEU D 104 -14.57 -17.45 20.19
C LEU D 104 -15.05 -18.76 20.79
N ASP D 105 -14.27 -19.35 21.69
CA ASP D 105 -14.63 -20.67 22.22
C ASP D 105 -15.75 -20.58 23.25
N ASN D 106 -15.79 -19.52 24.04
CA ASN D 106 -16.76 -19.42 25.12
C ASN D 106 -18.09 -18.78 24.70
N TYR D 107 -18.07 -17.87 23.72
CA TYR D 107 -19.28 -17.18 23.32
C TYR D 107 -19.64 -17.36 21.84
N LEU D 108 -18.72 -17.06 20.94
CA LEU D 108 -19.07 -16.82 19.54
C LEU D 108 -19.34 -18.12 18.79
N ILE D 109 -18.40 -19.05 18.81
CA ILE D 109 -18.63 -20.33 18.18
C ILE D 109 -19.71 -21.10 18.93
N LYS D 110 -19.68 -21.02 20.26
CA LYS D 110 -20.57 -21.82 21.10
C LYS D 110 -22.04 -21.48 20.87
N ASN D 111 -22.34 -20.22 20.57
CA ASN D 111 -23.72 -19.79 20.42
C ASN D 111 -24.25 -19.89 18.99
N CYS D 112 -23.47 -20.46 18.08
CA CYS D 112 -23.94 -20.64 16.72
C CYS D 112 -24.92 -21.81 16.66
N SER D 113 -26.12 -21.55 16.14
CA SER D 113 -27.09 -22.62 15.96
C SER D 113 -26.68 -23.52 14.78
N GLU D 114 -27.43 -24.61 14.61
CA GLU D 114 -27.05 -25.62 13.63
C GLU D 114 -27.03 -25.06 12.20
N THR D 115 -27.91 -24.11 11.90
CA THR D 115 -28.03 -23.58 10.54
C THR D 115 -27.23 -22.31 10.32
N GLN D 116 -26.48 -21.84 11.31
CA GLN D 116 -25.68 -20.63 11.15
C GLN D 116 -24.30 -20.96 10.58
N TYR D 117 -24.31 -21.51 9.37
CA TYR D 117 -23.07 -21.93 8.72
C TYR D 117 -22.17 -20.73 8.45
N GLU D 118 -22.76 -19.62 8.01
CA GLU D 118 -21.97 -18.43 7.72
C GLU D 118 -21.20 -17.99 8.97
N SER D 119 -21.89 -17.91 10.11
CA SER D 119 -21.23 -17.50 11.35
C SER D 119 -20.18 -18.51 11.79
N LYS D 120 -20.45 -19.80 11.62
CA LYS D 120 -19.47 -20.81 12.01
C LYS D 120 -18.20 -20.70 11.17
N VAL D 121 -18.34 -20.53 9.86
CA VAL D 121 -17.16 -20.38 9.01
C VAL D 121 -16.41 -19.11 9.38
N PHE D 122 -17.13 -18.02 9.62
CA PHE D 122 -16.49 -16.76 10.00
C PHE D 122 -15.68 -16.93 11.28
N TYR D 123 -16.26 -17.55 12.30
CA TYR D 123 -15.57 -17.62 13.59
C TYR D 123 -14.49 -18.68 13.61
N LEU D 124 -14.66 -19.80 12.90
CA LEU D 124 -13.60 -20.80 12.83
C LEU D 124 -12.42 -20.27 12.02
N LYS D 125 -12.70 -19.52 10.94
CA LYS D 125 -11.62 -18.84 10.24
C LYS D 125 -10.87 -17.89 11.17
N MET D 126 -11.61 -17.11 11.95
CA MET D 126 -10.99 -16.24 12.95
C MET D 126 -10.14 -17.03 13.93
N LYS D 127 -10.64 -18.19 14.36
CA LYS D 127 -9.87 -19.04 15.28
C LYS D 127 -8.59 -19.53 14.63
N GLY D 128 -8.65 -19.92 13.36
CA GLY D 128 -7.43 -20.30 12.66
C GLY D 128 -6.47 -19.15 12.50
N ASP D 129 -7.01 -17.95 12.24
CA ASP D 129 -6.17 -16.76 12.10
C ASP D 129 -5.39 -16.50 13.39
N TYR D 130 -6.08 -16.48 14.53
CA TYR D 130 -5.41 -16.05 15.75
C TYR D 130 -4.49 -17.13 16.31
N TYR D 131 -4.77 -18.40 16.04
CA TYR D 131 -3.78 -19.42 16.30
C TYR D 131 -2.59 -19.29 15.36
N ARG D 132 -2.83 -18.86 14.12
CA ARG D 132 -1.73 -18.62 13.20
C ARG D 132 -0.85 -17.47 13.68
N TYR D 133 -1.46 -16.41 14.23
CA TYR D 133 -0.65 -15.31 14.76
C TYR D 133 0.17 -15.77 15.96
N LEU D 134 -0.38 -16.68 16.77
CA LEU D 134 0.41 -17.26 17.85
C LEU D 134 1.58 -18.07 17.30
N ALA D 135 1.36 -18.80 16.20
CA ALA D 135 2.43 -19.61 15.62
C ALA D 135 3.54 -18.73 15.03
N GLU D 136 3.19 -17.53 14.56
CA GLU D 136 4.20 -16.64 13.98
C GLU D 136 5.30 -16.31 14.98
N VAL D 137 4.98 -16.25 16.27
CA VAL D 137 5.92 -15.82 17.29
C VAL D 137 6.31 -16.96 18.22
N ALA D 138 6.00 -18.20 17.86
CA ALA D 138 6.30 -19.35 18.70
C ALA D 138 7.44 -20.16 18.11
N THR D 139 8.13 -20.90 18.98
CA THR D 139 9.24 -21.76 18.59
C THR D 139 9.09 -23.12 19.25
N GLY D 140 9.69 -24.13 18.63
CA GLY D 140 9.80 -25.44 19.25
C GLY D 140 8.45 -26.08 19.51
N GLU D 141 8.30 -26.65 20.72
CA GLU D 141 7.09 -27.38 21.05
C GLU D 141 5.89 -26.46 21.18
N LYS D 142 6.09 -25.25 21.71
CA LYS D 142 5.00 -24.29 21.81
C LYS D 142 4.45 -23.97 20.42
N ARG D 143 5.31 -23.93 19.41
CA ARG D 143 4.88 -23.64 18.05
C ARG D 143 4.07 -24.80 17.47
N ALA D 144 4.56 -26.04 17.67
CA ALA D 144 3.87 -27.20 17.10
C ALA D 144 2.42 -27.29 17.59
N THR D 145 2.17 -26.88 18.84
CA THR D 145 0.83 -27.02 19.40
C THR D 145 -0.15 -26.02 18.78
N VAL D 146 0.27 -24.76 18.62
CA VAL D 146 -0.65 -23.78 18.05
C VAL D 146 -0.79 -23.97 16.55
N VAL D 147 0.24 -24.51 15.89
CA VAL D 147 0.10 -24.83 14.47
C VAL D 147 -0.98 -25.89 14.27
N GLU D 148 -1.02 -26.90 15.15
CA GLU D 148 -2.05 -27.93 15.05
C GLU D 148 -3.44 -27.35 15.30
N SER D 149 -3.56 -26.46 16.29
CA SER D 149 -4.84 -25.82 16.55
C SER D 149 -5.30 -24.99 15.36
N SER D 150 -4.38 -24.25 14.75
CA SER D 150 -4.72 -23.42 13.59
C SER D 150 -5.21 -24.28 12.44
N GLU D 151 -4.49 -25.37 12.13
CA GLU D 151 -4.90 -26.24 11.03
C GLU D 151 -6.26 -26.87 11.31
N LYS D 152 -6.52 -27.24 12.56
CA LYS D 152 -7.81 -27.85 12.90
C LYS D 152 -8.96 -26.88 12.70
N ALA D 153 -8.77 -25.61 13.11
CA ALA D 153 -9.83 -24.62 12.94
C ALA D 153 -10.06 -24.32 11.46
N TYR D 154 -8.98 -24.08 10.72
CA TYR D 154 -9.10 -23.81 9.29
C TYR D 154 -9.79 -24.97 8.56
N SER D 155 -9.43 -26.21 8.90
CA SER D 155 -9.98 -27.36 8.20
C SER D 155 -11.49 -27.47 8.42
N GLU D 156 -11.95 -27.29 9.66
CA GLU D 156 -13.38 -27.32 9.93
C GLU D 156 -14.11 -26.24 9.16
N ALA D 157 -13.56 -25.01 9.18
CA ALA D 157 -14.20 -23.91 8.47
C ALA D 157 -14.31 -24.21 6.98
N HIS D 158 -13.24 -24.73 6.38
CA HIS D 158 -13.24 -24.99 4.94
C HIS D 158 -14.25 -26.07 4.57
N GLU D 159 -14.41 -27.09 5.42
CA GLU D 159 -15.38 -28.14 5.14
C GLU D 159 -16.80 -27.60 5.16
N ILE D 160 -17.10 -26.72 6.13
CA ILE D 160 -18.44 -26.14 6.21
C ILE D 160 -18.67 -25.19 5.04
N SER D 161 -17.66 -24.40 4.68
CA SER D 161 -17.83 -23.42 3.61
C SER D 161 -18.03 -24.08 2.26
N LYS D 162 -17.30 -25.17 1.98
CA LYS D 162 -17.48 -25.86 0.71
C LYS D 162 -18.90 -26.40 0.57
N GLU D 163 -19.51 -26.82 1.68
CA GLU D 163 -20.84 -27.41 1.61
C GLU D 163 -21.96 -26.38 1.61
N HIS D 164 -21.78 -25.25 2.30
CA HIS D 164 -22.89 -24.36 2.59
C HIS D 164 -22.72 -22.93 2.10
N MET D 165 -21.62 -22.58 1.45
CA MET D 165 -21.38 -21.21 1.04
C MET D 165 -21.08 -21.12 -0.45
N GLN D 166 -21.47 -20.00 -1.05
CA GLN D 166 -21.19 -19.77 -2.45
C GLN D 166 -19.69 -19.55 -2.65
N PRO D 167 -19.11 -20.08 -3.72
CA PRO D 167 -17.65 -19.96 -3.91
C PRO D 167 -17.17 -18.53 -4.10
N THR D 168 -18.07 -17.61 -4.44
CA THR D 168 -17.75 -16.20 -4.56
C THR D 168 -17.96 -15.42 -3.28
N HIS D 169 -18.49 -16.05 -2.23
CA HIS D 169 -18.73 -15.34 -0.98
C HIS D 169 -17.39 -14.90 -0.39
N PRO D 170 -17.25 -13.63 0.00
CA PRO D 170 -15.95 -13.16 0.51
C PRO D 170 -15.47 -13.89 1.76
N ILE D 171 -16.38 -14.48 2.54
CA ILE D 171 -15.94 -15.26 3.69
C ILE D 171 -15.25 -16.55 3.23
N ARG D 172 -15.87 -17.25 2.27
CA ARG D 172 -15.26 -18.47 1.76
C ARG D 172 -13.96 -18.17 1.02
N LEU D 173 -13.96 -17.11 0.20
CA LEU D 173 -12.74 -16.72 -0.50
C LEU D 173 -11.66 -16.28 0.48
N GLY D 174 -12.03 -15.50 1.50
CA GLY D 174 -11.05 -15.04 2.47
C GLY D 174 -10.51 -16.18 3.33
N LEU D 175 -11.36 -17.15 3.65
CA LEU D 175 -10.89 -18.33 4.35
C LEU D 175 -9.89 -19.12 3.50
N ALA D 176 -10.20 -19.29 2.21
CA ALA D 176 -9.27 -19.99 1.33
C ALA D 176 -7.94 -19.25 1.22
N LEU D 177 -8.00 -17.91 1.21
CA LEU D 177 -6.79 -17.12 1.14
C LEU D 177 -5.94 -17.31 2.39
N ASN D 178 -6.55 -17.14 3.57
CA ASN D 178 -5.79 -17.24 4.82
C ASN D 178 -5.30 -18.67 5.07
N TYR D 179 -6.12 -19.65 4.71
CA TYR D 179 -5.72 -21.06 4.85
C TYR D 179 -4.50 -21.36 3.97
N SER D 180 -4.53 -20.89 2.72
CA SER D 180 -3.39 -21.09 1.84
C SER D 180 -2.14 -20.36 2.35
N VAL D 181 -2.33 -19.18 2.95
CA VAL D 181 -1.20 -18.50 3.59
C VAL D 181 -0.67 -19.31 4.75
N PHE D 182 -1.58 -19.94 5.51
CA PHE D 182 -1.15 -20.82 6.61
C PHE D 182 -0.29 -21.97 6.08
N TYR D 183 -0.72 -22.59 4.98
CA TYR D 183 0.09 -23.65 4.37
C TYR D 183 1.47 -23.15 4.00
N TYR D 184 1.52 -22.05 3.24
CA TYR D 184 2.78 -21.57 2.69
C TYR D 184 3.72 -21.07 3.78
N GLU D 185 3.24 -20.16 4.63
CA GLU D 185 4.12 -19.44 5.55
C GLU D 185 4.32 -20.16 6.87
N ILE D 186 3.37 -20.97 7.31
CA ILE D 186 3.43 -21.64 8.61
C ILE D 186 3.87 -23.09 8.46
N GLN D 187 3.15 -23.87 7.64
CA GLN D 187 3.46 -25.28 7.48
C GLN D 187 4.58 -25.53 6.48
N ASN D 188 4.98 -24.52 5.71
CA ASN D 188 5.97 -24.69 4.65
C ASN D 188 5.56 -25.80 3.68
N ALA D 189 4.29 -25.77 3.27
CA ALA D 189 3.73 -26.73 2.32
C ALA D 189 3.26 -25.96 1.09
N PRO D 190 4.19 -25.53 0.24
CA PRO D 190 3.79 -24.65 -0.88
C PRO D 190 2.91 -25.33 -1.91
N GLU D 191 3.09 -26.62 -2.16
CA GLU D 191 2.20 -27.32 -3.10
C GLU D 191 0.77 -27.36 -2.56
N GLN D 192 0.62 -27.55 -1.26
CA GLN D 192 -0.70 -27.47 -0.64
C GLN D 192 -1.27 -26.06 -0.78
N ALA D 193 -0.48 -25.06 -0.41
CA ALA D 193 -0.93 -23.68 -0.51
C ALA D 193 -1.32 -23.31 -1.93
N CYS D 194 -0.49 -23.69 -2.90
CA CYS D 194 -0.74 -23.34 -4.29
C CYS D 194 -2.03 -23.99 -4.81
N HIS D 195 -2.27 -25.26 -4.45
CA HIS D 195 -3.45 -25.94 -4.96
C HIS D 195 -4.73 -25.37 -4.37
N LEU D 196 -4.72 -25.07 -3.06
CA LEU D 196 -5.89 -24.49 -2.41
C LEU D 196 -6.25 -23.15 -3.03
N ALA D 197 -5.24 -22.29 -3.25
CA ALA D 197 -5.52 -20.96 -3.78
C ALA D 197 -6.08 -21.01 -5.19
N LYS D 198 -5.54 -21.91 -6.03
CA LYS D 198 -6.00 -21.96 -7.41
C LYS D 198 -7.39 -22.59 -7.51
N THR D 199 -7.66 -23.61 -6.69
CA THR D 199 -8.99 -24.20 -6.67
C THR D 199 -10.03 -23.17 -6.26
N ALA D 200 -9.74 -22.41 -5.20
CA ALA D 200 -10.65 -21.37 -4.75
C ALA D 200 -10.88 -20.32 -5.82
N PHE D 201 -9.81 -19.93 -6.51
CA PHE D 201 -9.95 -18.94 -7.58
C PHE D 201 -10.85 -19.47 -8.70
N ASP D 202 -10.63 -20.72 -9.12
CA ASP D 202 -11.41 -21.27 -10.23
C ASP D 202 -12.88 -21.43 -9.85
N ASP D 203 -13.16 -21.86 -8.62
CA ASP D 203 -14.54 -22.06 -8.20
C ASP D 203 -15.33 -20.76 -8.24
N ALA D 204 -14.68 -19.65 -7.89
CA ALA D 204 -15.36 -18.37 -7.84
C ALA D 204 -15.56 -17.78 -9.23
N ILE D 205 -14.58 -17.96 -10.12
CA ILE D 205 -14.68 -17.48 -11.50
C ILE D 205 -15.95 -17.99 -12.16
N ALA D 206 -16.31 -19.25 -11.90
CA ALA D 206 -17.44 -19.88 -12.57
C ALA D 206 -18.76 -19.18 -12.30
N GLU D 207 -18.87 -18.44 -11.18
CA GLU D 207 -20.11 -17.77 -10.82
C GLU D 207 -19.96 -16.26 -10.72
N LEU D 208 -18.87 -15.71 -11.27
CA LEU D 208 -18.64 -14.27 -11.17
C LEU D 208 -19.68 -13.46 -11.94
N ASP D 209 -20.17 -13.98 -13.07
CA ASP D 209 -21.15 -13.24 -13.87
C ASP D 209 -22.47 -13.04 -13.14
N THR D 210 -22.75 -13.82 -12.11
CA THR D 210 -24.02 -13.77 -11.40
C THR D 210 -24.10 -12.67 -10.35
N LEU D 211 -22.99 -12.00 -10.05
CA LEU D 211 -22.96 -11.07 -8.93
C LEU D 211 -23.46 -9.69 -9.34
N ASN D 212 -23.95 -8.96 -8.34
CA ASN D 212 -24.26 -7.54 -8.54
C ASN D 212 -22.98 -6.71 -8.39
N GLU D 213 -23.12 -5.40 -8.51
CA GLU D 213 -21.94 -4.53 -8.47
C GLU D 213 -21.25 -4.58 -7.12
N ASP D 214 -22.04 -4.55 -6.03
CA ASP D 214 -21.44 -4.56 -4.69
C ASP D 214 -20.74 -5.88 -4.40
N SER D 215 -21.39 -7.01 -4.75
CA SER D 215 -20.76 -8.31 -4.52
C SER D 215 -19.56 -8.53 -5.43
N TYR D 216 -19.60 -7.98 -6.65
CA TYR D 216 -18.48 -8.15 -7.58
C TYR D 216 -17.20 -7.52 -7.02
N LYS D 217 -17.32 -6.35 -6.39
CA LYS D 217 -16.14 -5.67 -5.88
C LYS D 217 -15.50 -6.45 -4.74
N ASP D 218 -16.31 -6.90 -3.78
CA ASP D 218 -15.76 -7.61 -2.63
C ASP D 218 -15.08 -8.91 -3.05
N SER D 219 -15.66 -9.63 -4.01
CA SER D 219 -15.10 -10.91 -4.40
C SER D 219 -13.82 -10.74 -5.20
N THR D 220 -13.83 -9.83 -6.18
CA THR D 220 -12.65 -9.66 -7.02
C THR D 220 -11.46 -9.14 -6.22
N LEU D 221 -11.72 -8.43 -5.12
CA LEU D 221 -10.62 -7.93 -4.29
C LEU D 221 -9.85 -9.08 -3.67
N ILE D 222 -10.55 -10.08 -3.14
CA ILE D 222 -9.88 -11.23 -2.55
C ILE D 222 -9.30 -12.13 -3.65
N MET D 223 -10.02 -12.23 -4.77
CA MET D 223 -9.47 -12.99 -5.91
C MET D 223 -8.16 -12.37 -6.39
N GLN D 224 -8.05 -11.04 -6.35
CA GLN D 224 -6.79 -10.39 -6.69
C GLN D 224 -5.68 -10.78 -5.73
N LEU D 225 -6.01 -10.88 -4.43
CA LEU D 225 -5.02 -11.30 -3.46
C LEU D 225 -4.59 -12.76 -3.68
N LEU D 226 -5.54 -13.62 -4.07
CA LEU D 226 -5.20 -15.00 -4.39
C LEU D 226 -4.27 -15.06 -5.59
N ARG D 227 -4.57 -14.30 -6.63
CA ARG D 227 -3.72 -14.29 -7.82
C ARG D 227 -2.34 -13.74 -7.51
N ASP D 228 -2.27 -12.73 -6.65
CA ASP D 228 -0.97 -12.14 -6.32
C ASP D 228 -0.10 -13.10 -5.51
N ASN D 229 -0.69 -13.77 -4.52
CA ASN D 229 0.06 -14.78 -3.77
C ASN D 229 0.55 -15.89 -4.69
N LEU D 230 -0.30 -16.32 -5.63
CA LEU D 230 0.11 -17.36 -6.57
C LEU D 230 1.27 -16.91 -7.43
N THR D 231 1.22 -15.66 -7.90
CA THR D 231 2.33 -15.11 -8.68
C THR D 231 3.59 -15.00 -7.84
N LEU D 232 3.45 -14.57 -6.58
CA LEU D 232 4.60 -14.50 -5.68
C LEU D 232 5.18 -15.88 -5.42
N TRP D 233 4.31 -16.89 -5.29
CA TRP D 233 4.77 -18.26 -5.12
C TRP D 233 5.18 -18.90 -6.44
N THR D 234 4.77 -18.31 -7.57
CA THR D 234 5.08 -18.80 -8.91
C THR D 234 4.84 -20.30 -9.06
N LEU E 1 2.40 -25.75 -6.84
CA LEU E 1 3.45 -24.94 -7.45
C LEU E 1 3.62 -25.25 -8.94
N ARG E 2 4.55 -24.52 -9.56
CA ARG E 2 4.93 -24.76 -10.94
C ARG E 2 6.45 -24.77 -11.03
N SER E 3 6.95 -25.28 -12.15
CA SER E 3 8.39 -25.23 -12.38
C SER E 3 8.85 -23.79 -12.54
N CYS E 4 10.00 -23.48 -11.94
CA CYS E 4 10.52 -22.13 -11.98
C CYS E 4 11.68 -22.00 -12.96
N SEP E 5 11.65 -20.94 -13.75
CA SEP E 5 12.73 -20.63 -14.68
CB SEP E 5 12.18 -20.35 -16.07
OG SEP E 5 11.29 -19.24 -16.01
C SEP E 5 13.51 -19.43 -14.15
O SEP E 5 13.16 -18.88 -13.12
P SEP E 5 10.56 -18.97 -17.41
O1P SEP E 5 9.71 -17.62 -17.24
O2P SEP E 5 9.58 -20.19 -17.76
O3P SEP E 5 11.64 -18.77 -18.58
N VAL E 6 14.56 -19.03 -14.87
CA VAL E 6 15.38 -17.90 -14.46
C VAL E 6 14.52 -16.64 -14.32
N THR E 7 14.66 -15.97 -13.18
CA THR E 7 13.83 -14.80 -12.88
C THR E 7 14.64 -13.51 -12.99
N LEU F 1 -7.89 24.77 6.88
CA LEU F 1 -6.58 24.48 7.45
C LEU F 1 -6.53 24.84 8.93
N ARG F 2 -5.52 24.30 9.60
CA ARG F 2 -5.24 24.57 11.00
C ARG F 2 -3.84 25.18 11.10
N SER F 3 -3.62 25.97 12.15
CA SER F 3 -2.28 26.49 12.41
C SER F 3 -1.31 25.34 12.61
N CYS F 4 -0.07 25.52 12.15
CA CYS F 4 0.95 24.49 12.25
C CYS F 4 1.99 24.83 13.31
N SEP F 5 2.36 23.85 14.12
CA SEP F 5 3.45 24.00 15.08
CB SEP F 5 3.03 23.54 16.47
OG SEP F 5 2.58 22.20 16.41
C SEP F 5 4.66 23.19 14.60
O SEP F 5 4.60 22.51 13.57
P SEP F 5 1.99 21.66 17.80
O1P SEP F 5 2.98 21.92 19.04
O2P SEP F 5 0.58 22.36 18.10
O3P SEP F 5 1.77 20.08 17.61
N VAL F 6 5.75 23.25 15.37
CA VAL F 6 6.98 22.54 15.04
C VAL F 6 6.72 21.04 14.89
N THR F 7 7.33 20.45 13.87
CA THR F 7 7.17 19.01 13.62
C THR F 7 8.51 18.29 13.72
N ARG G 2 1.61 12.60 -1.92
CA ARG G 2 0.46 13.21 -2.58
C ARG G 2 -0.84 12.89 -1.83
N SER G 3 -1.85 13.73 -2.05
CA SER G 3 -3.16 13.47 -1.45
C SER G 3 -3.81 12.26 -2.12
N CYS G 4 -4.66 11.58 -1.36
CA CYS G 4 -5.35 10.40 -1.87
C CYS G 4 -6.70 10.75 -2.47
N SEP G 5 -6.99 10.23 -3.66
CA SEP G 5 -8.32 10.32 -4.25
CB SEP G 5 -8.23 10.66 -5.73
OG SEP G 5 -7.50 9.64 -6.39
C SEP G 5 -9.03 8.98 -4.05
O SEP G 5 -8.48 8.08 -3.41
P SEP G 5 -7.10 10.00 -7.91
O1P SEP G 5 -6.10 11.27 -7.95
O2P SEP G 5 -6.34 8.71 -8.48
O3P SEP G 5 -8.42 10.29 -8.76
N VAL G 6 -10.25 8.86 -4.57
CA VAL G 6 -11.02 7.62 -4.43
C VAL G 6 -10.21 6.45 -4.99
N THR G 7 -10.05 5.41 -4.18
CA THR G 7 -9.24 4.25 -4.55
C THR G 7 -10.12 3.08 -4.98
N ARG H 2 6.00 -10.84 2.20
CA ARG H 2 5.16 -11.89 2.75
C ARG H 2 3.93 -12.12 1.89
N SER H 3 3.27 -13.27 2.08
CA SER H 3 2.03 -13.56 1.40
C SER H 3 0.89 -12.77 2.03
N CYS H 4 0.00 -12.25 1.19
CA CYS H 4 -1.11 -11.43 1.66
C CYS H 4 -2.23 -12.28 2.25
N SEP H 5 -2.69 -11.88 3.43
CA SEP H 5 -3.92 -12.44 4.00
CB SEP H 5 -3.75 -12.71 5.50
OG SEP H 5 -3.51 -11.49 6.18
C SEP H 5 -5.05 -11.44 3.76
O SEP H 5 -4.86 -10.43 3.11
P SEP H 5 -3.14 -11.72 7.74
O1P SEP H 5 -4.33 -12.48 8.51
O2P SEP H 5 -1.78 -12.57 7.85
O3P SEP H 5 -2.92 -10.25 8.36
N VAL H 6 -6.24 -11.75 4.29
CA VAL H 6 -7.39 -10.85 4.16
C VAL H 6 -7.10 -9.50 4.80
N THR H 7 -7.32 -8.42 4.04
CA THR H 7 -7.05 -7.08 4.53
C THR H 7 -8.33 -6.35 4.89
F7 CFH I . 22.95 -31.63 -4.09
C1 CFH I . 23.83 -32.65 -4.30
F5 CFH I . 23.29 -33.82 -3.82
F6 CFH I . 24.05 -32.77 -5.64
C2 CFH I . 25.14 -32.34 -3.59
O4 CFH I . 25.42 -30.98 -3.75
C3 CFH I . 25.19 -32.69 -2.09
F10 CFH I . 25.37 -31.55 -1.37
F8 CFH I . 24.03 -33.28 -1.69
F9 CFH I . 26.23 -33.52 -1.86
F7 CFH J . 20.35 -32.86 -2.22
C1 CFH J . 20.27 -31.70 -1.50
F5 CFH J . 20.06 -32.00 -0.18
F6 CFH J . 21.43 -31.00 -1.61
C2 CFH J . 19.10 -30.85 -2.01
O4 CFH J . 19.18 -29.61 -1.35
C3 CFH J . 19.07 -30.59 -3.52
F10 CFH J . 19.61 -31.62 -4.22
F8 CFH J . 17.77 -30.44 -3.92
F9 CFH J . 19.74 -29.43 -3.81
F7 CFH K . -21.18 9.51 18.18
C1 CFH K . -21.25 8.17 18.39
F5 CFH K . -20.14 7.76 19.05
F6 CFH K . -22.35 7.89 19.16
C2 CFH K . -21.38 7.46 17.03
O4 CFH K . -21.46 6.08 17.29
C3 CFH K . -20.19 7.71 16.10
F10 CFH K . -19.05 7.25 16.69
F8 CFH K . -20.40 7.05 14.93
F9 CFH K . -20.07 9.05 15.84
F7 CFH L . -14.59 -13.51 -16.87
C1 CFH L . -15.50 -14.36 -16.32
F5 CFH L . -14.89 -15.54 -16.01
F6 CFH L . -16.04 -13.80 -15.19
C2 CFH L . -16.63 -14.61 -17.32
O4 CFH L . -17.21 -13.38 -17.64
C3 CFH L . -16.13 -15.26 -18.60
F10 CFH L . -15.72 -16.53 -18.31
F8 CFH L . -17.12 -15.29 -19.53
F9 CFH L . -15.08 -14.55 -19.09
#